data_9KK6
#
_entry.id   9KK6
#
_cell.length_a   1.00
_cell.length_b   1.00
_cell.length_c   1.00
_cell.angle_alpha   90.00
_cell.angle_beta   90.00
_cell.angle_gamma   90.00
#
_symmetry.space_group_name_H-M   'P 1'
#
loop_
_entity.id
_entity.type
_entity.pdbx_description
1 polymer 'ABC transporter B family member 19'
2 non-polymer 'VANADATE ION'
3 non-polymer "ADENOSINE-5'-DIPHOSPHATE"
4 non-polymer 'MAGNESIUM ION'
#
_entity_poly.entity_id   1
_entity_poly.type   'polypeptide(L)'
_entity_poly.pdbx_seq_one_letter_code
;MSETNTTDAKTVPAEAEKKKEQSLPFFKLFSFADKFDYLLMFVGSLGAIVHGSSMPVFFLLFGQMVNGFGKNQMDLHQMV
HEVSRYSLYFVYLGLVVCFSSYAEIACWMYSGERQVAALRKKYLEAVLKQDVGFFDTDARTGDIVFSVSTDTLLVQDAIS
EKVGNFIHYLSTFLAGLVVGFVSAWKLALLSVAVIPGIAFAGGLYAYTLTGITSKSRESYANAGVIAEQAIAQVRTVYSY
VGESKALNAYSDAIQYTLKLGYKAGMAKGLGLGCTYGIACMSWALVFWYAGVFIRNGQTDGGKAFTAIFSAIVGGMSLGQ
SFSNLGAFSKGKAAGYKLMEIINQRPTIIQDPLDGKCLDQVHGNIEFKDVTFSYPSRPDVMIFRNFNIFFPSGKTVAVVG
GSGSGKSTVVSLIERFYDPNSGQILLDGVEIKTLQLKFLREQIGLVNQEPALFATTILENILYGKPDATMVEVEAAASAA
NAHSFITLLPKGYDTQVGERGVQLSGGQKQRIAIARAMLKDPKILLLDEATSALDASSESIVQEALDRVMVGRTTVVVAH
RLCTIRNVDSIAVIQQGQVVETGTHEELIAKSGAYASLIRFQEMVGTRDFSNPSTRRTRSTRLSHSLSTKSLSLRSGSLR
NLSYSYSTGADGRIEMISNAETDRKTRAPENYFYRLLKLNSPEWPYSIMGAVGSILSGFIGPTFAIVMSNMIEVFYYTDY
DSMERKTKEYVFIYIGAGLYAVGAYLIQHYFFSIMGENLTTRVRRMMLSAILRNEVGWFDEDEHNSSLIAARLATDAADV
KSAIAERISVILQNMTSLLTSFIVAFIVEWRVSLLILGTFPLLVLANFAQQLSLKGFAGDTAKAHAKTSMIAGEGVSNIR
TVAAFNAQSKILSLFCHELRVPQKRSLYRSQTSGFLFGLSQLALYGSEALILWYGAHLVSKGVSTFSKVIKVFVVLVITA
NSVAETVSLAPEIIRGGEAVGSVFSVLDRQTRIDPDDADADPVETIRGDIEFRHVDFAYPSRPDVMVFRDFNLRIRAGHS
QALVGASGSGKSSVIAMIERFYDPLAGKVMIDGKDIRRLNLKSLRLKIGLVQQEPALFAATIFDNIAYGKDGATESEVID
AARAANAHGFISGLPEGYKTPVGERGVQLSGGQKQRIAIARAVLKNPTVLLLDEATSALDAESECVLQEALERLMRGRTT
VVVAHRLSTIRGVDCIGVIQDGRIVEQGSHSELVSRPEGAYSRLLQLQTHRI
;
_entity_poly.pdbx_strand_id   A
#
loop_
_chem_comp.id
_chem_comp.type
_chem_comp.name
_chem_comp.formula
ADP non-polymer ADENOSINE-5'-DIPHOSPHATE 'C10 H15 N5 O10 P2'
MG non-polymer 'MAGNESIUM ION' 'Mg 2'
VO4 non-polymer 'VANADATE ION' 'O4 V -3'
#
# COMPACT_ATOMS: atom_id res chain seq x y z
N GLU A 21 1.08 13.24 -19.22
CA GLU A 21 0.16 12.13 -18.99
C GLU A 21 -1.27 12.64 -18.79
N GLN A 22 -2.23 11.73 -18.94
CA GLN A 22 -3.63 12.09 -18.82
C GLN A 22 -3.97 12.44 -17.37
N SER A 23 -4.91 13.37 -17.21
CA SER A 23 -5.38 13.79 -15.90
C SER A 23 -6.88 14.02 -15.94
N LEU A 24 -7.56 13.58 -14.88
CA LEU A 24 -9.00 13.76 -14.80
C LEU A 24 -9.35 15.22 -14.51
N PRO A 25 -10.42 15.74 -15.11
CA PRO A 25 -10.85 17.10 -14.76
C PRO A 25 -11.23 17.20 -13.30
N PHE A 26 -10.99 18.39 -12.73
CA PHE A 26 -11.17 18.56 -11.28
C PHE A 26 -12.63 18.35 -10.88
N PHE A 27 -13.56 18.87 -11.67
CA PHE A 27 -14.98 18.75 -11.33
C PHE A 27 -15.44 17.29 -11.28
N LYS A 28 -14.77 16.40 -12.01
CA LYS A 28 -15.17 14.99 -12.03
C LYS A 28 -14.92 14.29 -10.72
N LEU A 29 -14.18 14.90 -9.79
CA LEU A 29 -13.92 14.25 -8.50
C LEU A 29 -15.19 14.14 -7.67
N PHE A 30 -16.12 15.09 -7.83
CA PHE A 30 -17.38 15.06 -7.10
C PHE A 30 -18.38 14.19 -7.87
N SER A 31 -18.09 12.88 -7.88
CA SER A 31 -18.93 11.90 -8.56
C SER A 31 -19.48 10.84 -7.61
N PHE A 32 -19.45 11.11 -6.30
CA PHE A 32 -19.97 10.18 -5.32
C PHE A 32 -20.74 10.90 -4.22
N ALA A 33 -21.38 12.01 -4.55
CA ALA A 33 -22.10 12.83 -3.59
C ALA A 33 -23.60 12.69 -3.79
N ASP A 34 -24.31 12.38 -2.70
CA ASP A 34 -25.75 12.26 -2.73
C ASP A 34 -26.37 13.61 -2.41
N LYS A 35 -27.68 13.62 -2.14
CA LYS A 35 -28.35 14.87 -1.78
C LYS A 35 -27.81 15.45 -0.49
N PHE A 36 -27.53 14.58 0.50
CA PHE A 36 -27.02 15.07 1.78
C PHE A 36 -25.65 15.72 1.63
N ASP A 37 -24.78 15.13 0.80
CA ASP A 37 -23.47 15.71 0.59
C ASP A 37 -23.57 17.05 -0.13
N TYR A 38 -24.50 17.18 -1.07
CA TYR A 38 -24.69 18.44 -1.76
C TYR A 38 -25.08 19.55 -0.78
N LEU A 39 -25.98 19.23 0.15
CA LEU A 39 -26.39 20.21 1.15
C LEU A 39 -25.22 20.61 2.03
N LEU A 40 -24.41 19.65 2.46
CA LEU A 40 -23.26 19.96 3.30
C LEU A 40 -22.26 20.84 2.56
N MET A 41 -21.98 20.53 1.30
CA MET A 41 -21.05 21.35 0.54
C MET A 41 -21.60 22.74 0.29
N PHE A 42 -22.92 22.86 0.07
CA PHE A 42 -23.53 24.18 -0.08
C PHE A 42 -23.39 25.00 1.19
N VAL A 43 -23.67 24.39 2.35
CA VAL A 43 -23.53 25.11 3.62
C VAL A 43 -22.09 25.52 3.86
N GLY A 44 -21.15 24.62 3.57
CA GLY A 44 -19.75 24.96 3.74
C GLY A 44 -19.31 26.10 2.84
N SER A 45 -19.75 26.07 1.58
CA SER A 45 -19.42 27.16 0.66
C SER A 45 -20.00 28.48 1.14
N LEU A 46 -21.24 28.47 1.61
CA LEU A 46 -21.83 29.70 2.12
C LEU A 46 -21.07 30.24 3.33
N GLY A 47 -20.71 29.35 4.25
CA GLY A 47 -19.96 29.79 5.42
C GLY A 47 -18.59 30.35 5.06
N ALA A 48 -17.89 29.68 4.14
CA ALA A 48 -16.58 30.17 3.70
C ALA A 48 -16.72 31.52 3.01
N ILE A 49 -17.76 31.70 2.19
CA ILE A 49 -17.96 32.97 1.50
C ILE A 49 -18.20 34.09 2.50
N VAL A 50 -19.05 33.84 3.51
CA VAL A 50 -19.32 34.85 4.52
C VAL A 50 -18.05 35.19 5.29
N HIS A 51 -17.30 34.17 5.69
CA HIS A 51 -16.05 34.39 6.44
C HIS A 51 -15.08 35.23 5.62
N GLY A 52 -14.94 34.92 4.33
CA GLY A 52 -14.03 35.68 3.49
C GLY A 52 -14.48 37.12 3.29
N SER A 53 -15.77 37.32 3.06
CA SER A 53 -16.27 38.64 2.69
C SER A 53 -16.52 39.54 3.88
N SER A 54 -16.47 39.03 5.11
CA SER A 54 -16.72 39.89 6.27
C SER A 54 -15.70 41.02 6.37
N MET A 55 -14.42 40.72 6.19
CA MET A 55 -13.37 41.69 6.49
C MET A 55 -13.40 42.94 5.61
N PRO A 56 -13.52 42.86 4.28
CA PRO A 56 -13.40 44.11 3.47
C PRO A 56 -14.46 45.15 3.79
N VAL A 57 -15.73 44.76 3.88
CA VAL A 57 -16.76 45.73 4.22
C VAL A 57 -16.58 46.23 5.65
N PHE A 58 -16.09 45.38 6.55
CA PHE A 58 -15.84 45.81 7.91
C PHE A 58 -14.79 46.92 7.95
N PHE A 59 -13.71 46.77 7.19
CA PHE A 59 -12.73 47.85 7.16
C PHE A 59 -13.17 49.03 6.31
N LEU A 60 -14.12 48.82 5.40
CA LEU A 60 -14.79 49.95 4.77
C LEU A 60 -15.49 50.81 5.82
N LEU A 61 -16.18 50.15 6.76
CA LEU A 61 -16.74 50.87 7.90
C LEU A 61 -15.64 51.48 8.77
N PHE A 62 -14.55 50.74 8.97
CA PHE A 62 -13.45 51.17 9.84
C PHE A 62 -12.77 52.42 9.32
N GLY A 63 -12.81 52.63 8.00
CA GLY A 63 -12.21 53.82 7.42
C GLY A 63 -12.77 55.12 7.95
N GLN A 64 -14.01 55.10 8.44
CA GLN A 64 -14.61 56.33 8.99
C GLN A 64 -13.82 56.83 10.18
N MET A 65 -13.34 55.93 11.04
CA MET A 65 -12.45 56.34 12.13
C MET A 65 -10.99 56.39 11.71
N VAL A 66 -10.61 55.63 10.69
CA VAL A 66 -9.26 55.76 10.13
C VAL A 66 -9.03 57.19 9.65
N ASN A 67 -10.11 57.87 9.24
CA ASN A 67 -10.05 59.28 8.88
C ASN A 67 -10.09 60.20 10.10
N GLY A 68 -9.72 59.67 11.27
CA GLY A 68 -9.82 60.43 12.51
C GLY A 68 -9.02 61.71 12.54
N PHE A 69 -7.99 61.83 11.70
CA PHE A 69 -7.22 63.06 11.63
C PHE A 69 -8.04 64.25 11.15
N GLY A 70 -9.20 64.00 10.54
CA GLY A 70 -10.06 65.09 10.11
C GLY A 70 -11.52 64.85 10.41
N LYS A 71 -11.84 63.71 11.04
CA LYS A 71 -13.24 63.41 11.34
C LYS A 71 -13.70 64.02 12.66
N ASN A 72 -13.07 63.65 13.77
CA ASN A 72 -13.53 64.13 15.07
C ASN A 72 -12.39 64.42 16.04
N GLN A 73 -11.15 64.57 15.56
CA GLN A 73 -10.03 64.79 16.47
C GLN A 73 -10.10 66.14 17.17
N MET A 74 -10.93 67.06 16.68
CA MET A 74 -11.05 68.36 17.31
C MET A 74 -11.58 68.24 18.74
N ASP A 75 -12.57 67.38 18.95
CA ASP A 75 -13.13 67.12 20.27
C ASP A 75 -12.58 65.80 20.79
N LEU A 76 -11.73 65.86 21.82
CA LEU A 76 -11.14 64.65 22.37
C LEU A 76 -12.17 63.78 23.06
N HIS A 77 -13.26 64.37 23.55
CA HIS A 77 -14.25 63.62 24.30
C HIS A 77 -14.93 62.57 23.43
N GLN A 78 -15.22 62.91 22.17
CA GLN A 78 -15.94 61.99 21.30
C GLN A 78 -15.06 60.87 20.75
N MET A 79 -13.74 61.10 20.69
CA MET A 79 -12.84 60.06 20.17
C MET A 79 -12.91 58.79 21.00
N VAL A 80 -12.86 58.91 22.32
CA VAL A 80 -12.82 57.70 23.16
C VAL A 80 -14.12 56.92 23.05
N HIS A 81 -15.27 57.61 23.08
CA HIS A 81 -16.54 56.93 22.93
C HIS A 81 -16.65 56.27 21.57
N GLU A 82 -16.25 56.97 20.51
CA GLU A 82 -16.35 56.41 19.17
C GLU A 82 -15.49 55.17 19.01
N VAL A 83 -14.26 55.21 19.52
CA VAL A 83 -13.36 54.07 19.33
C VAL A 83 -13.76 52.92 20.25
N SER A 84 -14.36 53.22 21.41
CA SER A 84 -14.90 52.15 22.23
C SER A 84 -16.07 51.45 21.52
N ARG A 85 -16.94 52.23 20.89
CA ARG A 85 -18.02 51.63 20.12
C ARG A 85 -17.46 50.79 18.97
N TYR A 86 -16.40 51.28 18.33
CA TYR A 86 -15.81 50.51 17.23
C TYR A 86 -15.12 49.25 17.74
N SER A 87 -14.56 49.27 18.95
CA SER A 87 -14.04 48.05 19.55
C SER A 87 -15.17 47.05 19.79
N LEU A 88 -16.32 47.53 20.25
CA LEU A 88 -17.47 46.65 20.41
C LEU A 88 -17.91 46.06 19.07
N TYR A 89 -17.90 46.89 18.02
CA TYR A 89 -18.23 46.39 16.68
C TYR A 89 -17.22 45.34 16.23
N PHE A 90 -15.95 45.54 16.55
CA PHE A 90 -14.93 44.56 16.19
C PHE A 90 -15.16 43.24 16.93
N VAL A 91 -15.62 43.33 18.18
CA VAL A 91 -16.01 42.12 18.92
C VAL A 91 -17.19 41.43 18.24
N TYR A 92 -18.17 42.21 17.79
CA TYR A 92 -19.29 41.63 17.05
C TYR A 92 -18.81 40.91 15.80
N LEU A 93 -17.88 41.51 15.07
CA LEU A 93 -17.29 40.86 13.91
C LEU A 93 -16.56 39.58 14.32
N GLY A 94 -15.92 39.60 15.48
CA GLY A 94 -15.28 38.38 15.98
C GLY A 94 -16.27 37.26 16.19
N LEU A 95 -17.41 37.56 16.80
CA LEU A 95 -18.45 36.55 16.95
C LEU A 95 -18.95 36.05 15.59
N VAL A 96 -19.13 36.97 14.64
CA VAL A 96 -19.63 36.59 13.33
C VAL A 96 -18.65 35.64 12.64
N VAL A 97 -17.36 35.96 12.70
CA VAL A 97 -16.33 35.13 12.08
C VAL A 97 -16.25 33.78 12.78
N CYS A 98 -16.36 33.78 14.11
CA CYS A 98 -16.32 32.52 14.86
C CYS A 98 -17.47 31.61 14.45
N PHE A 99 -18.67 32.17 14.31
CA PHE A 99 -19.80 31.36 13.88
C PHE A 99 -19.63 30.88 12.43
N SER A 100 -19.12 31.75 11.56
CA SER A 100 -18.98 31.38 10.15
C SER A 100 -17.89 30.33 9.95
N SER A 101 -16.77 30.47 10.66
CA SER A 101 -15.66 29.54 10.47
C SER A 101 -16.04 28.14 10.95
N TYR A 102 -16.92 28.04 11.94
CA TYR A 102 -17.38 26.74 12.40
C TYR A 102 -18.13 25.99 11.30
N ALA A 103 -19.00 26.70 10.57
CA ALA A 103 -19.85 26.04 9.59
C ALA A 103 -19.03 25.48 8.43
N GLU A 104 -18.12 26.28 7.88
CA GLU A 104 -17.44 25.87 6.66
C GLU A 104 -16.37 24.82 6.92
N ILE A 105 -15.79 24.83 8.11
CA ILE A 105 -14.78 23.81 8.45
C ILE A 105 -15.44 22.47 8.72
N ALA A 106 -16.50 22.47 9.53
CA ALA A 106 -17.12 21.21 9.94
C ALA A 106 -17.85 20.55 8.78
N CYS A 107 -18.62 21.33 8.01
CA CYS A 107 -19.41 20.76 6.92
C CYS A 107 -18.51 20.19 5.83
N TRP A 108 -17.42 20.89 5.50
CA TRP A 108 -16.54 20.40 4.44
C TRP A 108 -15.80 19.14 4.86
N MET A 109 -15.32 19.08 6.11
CA MET A 109 -14.61 17.89 6.57
C MET A 109 -15.53 16.67 6.59
N TYR A 110 -16.77 16.84 7.05
CA TYR A 110 -17.71 15.73 7.06
C TYR A 110 -18.04 15.26 5.65
N SER A 111 -18.24 16.21 4.73
CA SER A 111 -18.56 15.83 3.35
C SER A 111 -17.40 15.09 2.70
N GLY A 112 -16.17 15.51 2.97
CA GLY A 112 -15.02 14.85 2.38
C GLY A 112 -14.86 13.42 2.87
N GLU A 113 -15.09 13.19 4.17
CA GLU A 113 -14.94 11.85 4.72
C GLU A 113 -15.97 10.90 4.15
N ARG A 114 -17.21 11.37 3.98
CA ARG A 114 -18.26 10.51 3.43
C ARG A 114 -17.95 10.12 1.99
N GLN A 115 -17.48 11.06 1.19
CA GLN A 115 -17.26 10.79 -0.24
C GLN A 115 -16.13 9.78 -0.44
N VAL A 116 -15.05 9.89 0.32
CA VAL A 116 -13.90 9.02 0.11
C VAL A 116 -14.24 7.58 0.50
N ALA A 117 -15.10 7.40 1.50
CA ALA A 117 -15.47 6.05 1.91
C ALA A 117 -16.25 5.34 0.81
N ALA A 118 -17.22 6.04 0.21
CA ALA A 118 -17.98 5.47 -0.89
C ALA A 118 -17.07 5.20 -2.09
N LEU A 119 -16.12 6.10 -2.35
CA LEU A 119 -15.19 5.88 -3.44
C LEU A 119 -14.34 4.64 -3.20
N ARG A 120 -13.87 4.44 -1.98
CA ARG A 120 -13.08 3.26 -1.66
C ARG A 120 -13.91 1.99 -1.82
N LYS A 121 -15.15 1.99 -1.33
CA LYS A 121 -16.00 0.81 -1.46
C LYS A 121 -16.28 0.49 -2.92
N LYS A 122 -16.62 1.52 -3.71
CA LYS A 122 -16.88 1.31 -5.13
C LYS A 122 -15.65 0.81 -5.85
N TYR A 123 -14.47 1.36 -5.52
CA TYR A 123 -13.24 0.91 -6.17
C TYR A 123 -12.95 -0.55 -5.85
N LEU A 124 -13.13 -0.95 -4.59
CA LEU A 124 -12.90 -2.35 -4.24
C LEU A 124 -13.88 -3.26 -4.97
N GLU A 125 -15.15 -2.87 -5.03
CA GLU A 125 -16.14 -3.68 -5.72
C GLU A 125 -15.81 -3.81 -7.20
N ALA A 126 -15.34 -2.72 -7.81
CA ALA A 126 -15.02 -2.75 -9.24
C ALA A 126 -13.78 -3.58 -9.52
N VAL A 127 -12.76 -3.48 -8.65
CA VAL A 127 -11.53 -4.21 -8.91
C VAL A 127 -11.70 -5.69 -8.61
N LEU A 128 -12.62 -6.04 -7.71
CA LEU A 128 -12.85 -7.44 -7.40
C LEU A 128 -13.76 -8.13 -8.41
N LYS A 129 -14.35 -7.38 -9.34
CA LYS A 129 -15.23 -7.95 -10.36
C LYS A 129 -14.51 -8.33 -11.65
N GLN A 130 -13.29 -7.83 -11.86
CA GLN A 130 -12.55 -8.15 -13.07
C GLN A 130 -12.18 -9.64 -13.09
N ASP A 131 -12.10 -10.19 -14.30
CA ASP A 131 -11.78 -11.60 -14.47
C ASP A 131 -10.29 -11.83 -14.23
N VAL A 132 -9.89 -13.10 -14.31
CA VAL A 132 -8.48 -13.44 -14.13
C VAL A 132 -7.64 -12.94 -15.31
N GLY A 133 -8.27 -12.72 -16.46
CA GLY A 133 -7.52 -12.24 -17.61
C GLY A 133 -6.93 -10.86 -17.40
N PHE A 134 -7.68 -9.98 -16.74
CA PHE A 134 -7.19 -8.62 -16.50
C PHE A 134 -6.02 -8.62 -15.53
N PHE A 135 -6.01 -9.56 -14.58
CA PHE A 135 -4.99 -9.54 -13.54
C PHE A 135 -3.64 -10.03 -14.07
N ASP A 136 -3.64 -10.93 -15.05
CA ASP A 136 -2.39 -11.47 -15.55
C ASP A 136 -1.71 -10.58 -16.58
N THR A 137 -2.42 -9.60 -17.13
CA THR A 137 -1.85 -8.77 -18.18
C THR A 137 -1.27 -7.45 -17.65
N ASP A 138 -2.02 -6.73 -16.82
CA ASP A 138 -1.45 -5.56 -16.14
C ASP A 138 -2.17 -5.39 -14.80
N ALA A 139 -1.61 -6.00 -13.77
CA ALA A 139 -2.11 -5.88 -12.41
C ALA A 139 -1.11 -6.53 -11.46
N ARG A 140 -0.85 -5.85 -10.34
CA ARG A 140 0.04 -6.39 -9.33
C ARG A 140 -0.56 -6.13 -7.95
N THR A 141 -0.28 -7.05 -7.02
CA THR A 141 -0.76 -6.87 -5.66
C THR A 141 -0.18 -5.61 -5.03
N GLY A 142 1.11 -5.37 -5.24
CA GLY A 142 1.72 -4.14 -4.73
C GLY A 142 1.12 -2.90 -5.35
N ASP A 143 0.86 -2.94 -6.66
CA ASP A 143 0.24 -1.80 -7.34
C ASP A 143 -1.13 -1.52 -6.76
N ILE A 144 -1.93 -2.57 -6.55
CA ILE A 144 -3.27 -2.39 -6.00
C ILE A 144 -3.21 -1.84 -4.57
N VAL A 145 -2.29 -2.37 -3.76
CA VAL A 145 -2.17 -1.91 -2.37
C VAL A 145 -1.76 -0.44 -2.34
N PHE A 146 -0.78 -0.06 -3.17
CA PHE A 146 -0.35 1.33 -3.20
C PHE A 146 -1.47 2.24 -3.69
N SER A 147 -2.24 1.79 -4.69
CA SER A 147 -3.34 2.61 -5.18
C SER A 147 -4.40 2.80 -4.10
N VAL A 148 -4.68 1.75 -3.33
CA VAL A 148 -5.67 1.85 -2.26
C VAL A 148 -5.19 2.80 -1.17
N SER A 149 -3.92 2.65 -0.78
CA SER A 149 -3.42 3.39 0.37
C SER A 149 -3.20 4.87 0.05
N THR A 150 -2.35 5.16 -0.92
CA THR A 150 -1.88 6.53 -1.11
C THR A 150 -2.88 7.38 -1.88
N ASP A 151 -3.40 6.86 -3.00
CA ASP A 151 -4.21 7.68 -3.89
C ASP A 151 -5.51 8.14 -3.23
N THR A 152 -6.14 7.25 -2.45
CA THR A 152 -7.36 7.64 -1.75
C THR A 152 -7.09 8.75 -0.74
N LEU A 153 -5.92 8.70 -0.08
CA LEU A 153 -5.56 9.79 0.83
C LEU A 153 -5.42 11.11 0.10
N LEU A 154 -4.80 11.09 -1.09
CA LEU A 154 -4.67 12.31 -1.87
C LEU A 154 -6.03 12.84 -2.30
N VAL A 155 -6.94 11.95 -2.71
CA VAL A 155 -8.27 12.40 -3.10
C VAL A 155 -9.02 12.98 -1.89
N GLN A 156 -8.85 12.37 -0.72
CA GLN A 156 -9.47 12.90 0.49
C GLN A 156 -8.92 14.28 0.80
N ASP A 157 -7.62 14.48 0.64
CA ASP A 157 -7.04 15.80 0.87
C ASP A 157 -7.49 16.81 -0.19
N ALA A 158 -7.85 16.34 -1.38
CA ALA A 158 -8.21 17.26 -2.46
C ALA A 158 -9.58 17.89 -2.21
N ILE A 159 -10.54 17.12 -1.71
CA ILE A 159 -11.91 17.59 -1.53
C ILE A 159 -12.23 17.90 -0.07
N SER A 160 -11.20 17.96 0.79
CA SER A 160 -11.38 18.33 2.19
C SER A 160 -11.49 19.84 2.34
N GLU A 161 -11.31 20.33 3.57
CA GLU A 161 -11.45 21.75 3.87
C GLU A 161 -10.47 22.63 3.11
N LYS A 162 -9.57 22.02 2.33
CA LYS A 162 -8.73 22.79 1.43
C LYS A 162 -9.56 23.59 0.45
N VAL A 163 -10.62 22.99 -0.08
CA VAL A 163 -11.54 23.71 -0.95
C VAL A 163 -12.19 24.86 -0.18
N GLY A 164 -12.51 24.64 1.09
CA GLY A 164 -13.06 25.71 1.90
C GLY A 164 -12.12 26.88 2.04
N ASN A 165 -10.84 26.60 2.32
CA ASN A 165 -9.85 27.67 2.43
C ASN A 165 -9.68 28.41 1.11
N PHE A 166 -9.64 27.66 0.00
CA PHE A 166 -9.49 28.29 -1.31
C PHE A 166 -10.68 29.20 -1.61
N ILE A 167 -11.90 28.74 -1.32
CA ILE A 167 -13.08 29.56 -1.54
C ILE A 167 -13.06 30.77 -0.64
N HIS A 168 -12.59 30.61 0.60
CA HIS A 168 -12.47 31.74 1.52
C HIS A 168 -11.54 32.82 0.97
N TYR A 169 -10.37 32.40 0.48
CA TYR A 169 -9.42 33.38 -0.06
C TYR A 169 -9.97 34.05 -1.31
N LEU A 170 -10.59 33.28 -2.20
CA LEU A 170 -11.16 33.87 -3.41
C LEU A 170 -12.27 34.85 -3.07
N SER A 171 -13.12 34.50 -2.11
CA SER A 171 -14.19 35.39 -1.70
C SER A 171 -13.63 36.67 -1.08
N THR A 172 -12.56 36.56 -0.29
CA THR A 172 -11.93 37.75 0.25
C THR A 172 -11.41 38.65 -0.86
N PHE A 173 -10.75 38.07 -1.86
CA PHE A 173 -10.23 38.88 -2.96
C PHE A 173 -11.35 39.58 -3.73
N LEU A 174 -12.42 38.83 -4.03
CA LEU A 174 -13.53 39.44 -4.76
C LEU A 174 -14.23 40.50 -3.94
N ALA A 175 -14.38 40.28 -2.63
CA ALA A 175 -14.99 41.30 -1.78
C ALA A 175 -14.14 42.56 -1.73
N GLY A 176 -12.83 42.41 -1.65
CA GLY A 176 -11.95 43.57 -1.71
C GLY A 176 -12.07 44.30 -3.03
N LEU A 177 -12.17 43.56 -4.13
CA LEU A 177 -12.34 44.19 -5.44
C LEU A 177 -13.66 44.97 -5.51
N VAL A 178 -14.74 44.38 -4.98
CA VAL A 178 -16.03 45.07 -4.99
C VAL A 178 -15.98 46.32 -4.12
N VAL A 179 -15.31 46.24 -2.97
CA VAL A 179 -15.14 47.42 -2.12
C VAL A 179 -14.38 48.50 -2.86
N GLY A 180 -13.32 48.12 -3.58
CA GLY A 180 -12.59 49.08 -4.38
C GLY A 180 -13.44 49.72 -5.46
N PHE A 181 -14.35 48.95 -6.05
CA PHE A 181 -15.27 49.51 -7.04
C PHE A 181 -16.12 50.62 -6.45
N VAL A 182 -16.51 50.50 -5.18
CA VAL A 182 -17.43 51.46 -4.58
C VAL A 182 -16.76 52.80 -4.35
N SER A 183 -15.53 52.80 -3.83
CA SER A 183 -14.91 54.04 -3.38
C SER A 183 -14.35 54.84 -4.55
N ALA A 184 -13.36 54.28 -5.25
CA ALA A 184 -12.75 54.93 -6.41
C ALA A 184 -12.41 53.84 -7.42
N TRP A 185 -12.91 54.00 -8.65
CA TRP A 185 -12.92 52.86 -9.57
C TRP A 185 -11.54 52.55 -10.12
N LYS A 186 -10.76 53.58 -10.49
CA LYS A 186 -9.52 53.35 -11.24
C LYS A 186 -8.58 52.41 -10.49
N LEU A 187 -8.51 52.57 -9.17
CA LEU A 187 -7.63 51.76 -8.36
C LEU A 187 -8.02 50.29 -8.49
N ALA A 188 -9.33 50.03 -8.47
CA ALA A 188 -9.83 48.67 -8.58
C ALA A 188 -9.73 48.14 -10.01
N LEU A 189 -9.79 49.02 -11.02
CA LEU A 189 -9.48 48.56 -12.38
C LEU A 189 -8.04 48.07 -12.48
N LEU A 190 -7.11 48.76 -11.83
CA LEU A 190 -5.75 48.21 -11.76
C LEU A 190 -5.73 46.87 -11.04
N SER A 191 -6.41 46.80 -9.89
CA SER A 191 -6.42 45.59 -9.08
C SER A 191 -7.09 44.40 -9.78
N VAL A 192 -7.96 44.66 -10.75
CA VAL A 192 -8.58 43.58 -11.51
C VAL A 192 -7.84 43.29 -12.80
N ALA A 193 -7.14 44.27 -13.38
CA ALA A 193 -6.33 44.02 -14.56
C ALA A 193 -5.04 43.29 -14.24
N VAL A 194 -4.63 43.26 -12.97
CA VAL A 194 -3.44 42.47 -12.62
C VAL A 194 -3.71 40.98 -12.47
N ILE A 195 -4.94 40.52 -12.70
CA ILE A 195 -5.26 39.10 -12.54
C ILE A 195 -4.52 38.19 -13.51
N PRO A 196 -4.41 38.50 -14.81
CA PRO A 196 -3.90 37.49 -15.75
C PRO A 196 -2.52 36.93 -15.42
N GLY A 197 -1.64 37.72 -14.81
CA GLY A 197 -0.35 37.18 -14.41
C GLY A 197 -0.48 36.07 -13.39
N ILE A 198 -1.29 36.30 -12.36
CA ILE A 198 -1.53 35.27 -11.35
C ILE A 198 -2.20 34.06 -11.98
N ALA A 199 -3.17 34.29 -12.88
CA ALA A 199 -3.86 33.17 -13.52
C ALA A 199 -2.89 32.31 -14.33
N PHE A 200 -2.02 32.97 -15.10
CA PHE A 200 -1.08 32.24 -15.94
C PHE A 200 -0.06 31.47 -15.10
N ALA A 201 0.43 32.11 -14.03
CA ALA A 201 1.36 31.42 -13.13
C ALA A 201 0.70 30.20 -12.48
N GLY A 202 -0.55 30.34 -12.05
CA GLY A 202 -1.26 29.21 -11.46
C GLY A 202 -1.47 28.09 -12.46
N GLY A 203 -1.77 28.44 -13.71
CA GLY A 203 -1.94 27.42 -14.73
C GLY A 203 -0.66 26.63 -14.97
N LEU A 204 0.46 27.34 -15.12
CA LEU A 204 1.74 26.64 -15.29
C LEU A 204 2.06 25.78 -14.09
N TYR A 205 1.83 26.31 -12.88
CA TYR A 205 2.13 25.57 -11.67
C TYR A 205 1.30 24.28 -11.60
N ALA A 206 0.01 24.38 -11.90
CA ALA A 206 -0.85 23.21 -11.86
C ALA A 206 -0.43 22.18 -12.90
N TYR A 207 -0.15 22.62 -14.12
CA TYR A 207 0.25 21.67 -15.17
C TYR A 207 1.54 20.94 -14.79
N THR A 208 2.55 21.70 -14.35
CA THR A 208 3.83 21.09 -14.01
C THR A 208 3.69 20.14 -12.82
N LEU A 209 2.91 20.54 -11.81
CA LEU A 209 2.74 19.67 -10.65
C LEU A 209 1.98 18.40 -11.01
N THR A 210 0.98 18.49 -11.90
CA THR A 210 0.28 17.28 -12.33
C THR A 210 1.24 16.32 -13.03
N GLY A 211 2.06 16.85 -13.94
CA GLY A 211 3.01 16.00 -14.62
C GLY A 211 4.01 15.34 -13.67
N ILE A 212 4.56 16.14 -12.75
CA ILE A 212 5.55 15.62 -11.81
C ILE A 212 4.92 14.60 -10.87
N THR A 213 3.68 14.86 -10.46
CA THR A 213 2.99 13.91 -9.59
C THR A 213 2.74 12.59 -10.30
N SER A 214 2.36 12.64 -11.58
CA SER A 214 2.19 11.40 -12.34
C SER A 214 3.49 10.62 -12.41
N LYS A 215 4.59 11.30 -12.75
CA LYS A 215 5.87 10.62 -12.85
C LYS A 215 6.30 10.03 -11.50
N SER A 216 6.13 10.78 -10.42
CA SER A 216 6.53 10.31 -9.10
C SER A 216 5.67 9.15 -8.63
N ARG A 217 4.37 9.19 -8.95
CA ARG A 217 3.50 8.06 -8.61
C ARG A 217 3.93 6.81 -9.35
N GLU A 218 4.26 6.94 -10.64
CA GLU A 218 4.74 5.79 -11.40
C GLU A 218 6.04 5.25 -10.79
N SER A 219 6.94 6.15 -10.39
CA SER A 219 8.19 5.71 -9.79
C SER A 219 7.95 4.99 -8.47
N TYR A 220 7.04 5.52 -7.64
CA TYR A 220 6.80 4.93 -6.33
C TYR A 220 6.10 3.58 -6.45
N ALA A 221 5.21 3.43 -7.44
CA ALA A 221 4.48 2.17 -7.58
C ALA A 221 5.42 1.00 -7.82
N ASN A 222 6.43 1.20 -8.67
CA ASN A 222 7.42 0.13 -8.92
C ASN A 222 8.18 -0.20 -7.65
N ALA A 223 8.55 0.81 -6.87
CA ALA A 223 9.32 0.57 -5.65
C ALA A 223 8.51 -0.24 -4.64
N GLY A 224 7.22 0.05 -4.50
CA GLY A 224 6.40 -0.68 -3.55
C GLY A 224 6.24 -2.14 -3.90
N VAL A 225 6.10 -2.45 -5.19
CA VAL A 225 5.96 -3.84 -5.63
C VAL A 225 7.23 -4.63 -5.29
N ILE A 226 8.39 -4.03 -5.53
CA ILE A 226 9.66 -4.73 -5.30
C ILE A 226 9.82 -5.08 -3.82
N ALA A 227 9.50 -4.14 -2.93
CA ALA A 227 9.66 -4.39 -1.50
C ALA A 227 8.71 -5.49 -1.02
N GLU A 228 7.44 -5.41 -1.43
CA GLU A 228 6.47 -6.41 -1.00
C GLU A 228 6.80 -7.80 -1.54
N GLN A 229 7.29 -7.86 -2.78
CA GLN A 229 7.69 -9.15 -3.34
C GLN A 229 8.80 -9.79 -2.53
N ALA A 230 9.78 -8.99 -2.10
CA ALA A 230 10.86 -9.52 -1.28
C ALA A 230 10.36 -9.91 0.11
N ILE A 231 9.42 -9.14 0.66
CA ILE A 231 8.94 -9.40 2.01
C ILE A 231 8.11 -10.68 2.06
N ALA A 232 7.24 -10.88 1.07
CA ALA A 232 6.32 -12.02 1.10
C ALA A 232 7.07 -13.34 1.06
N GLN A 233 8.06 -13.45 0.18
CA GLN A 233 8.88 -14.66 0.08
C GLN A 233 10.17 -14.51 0.89
N VAL A 234 9.99 -14.28 2.19
CA VAL A 234 11.14 -14.01 3.04
C VAL A 234 12.03 -15.25 3.16
N ARG A 235 11.44 -16.44 3.15
CA ARG A 235 12.23 -17.66 3.27
C ARG A 235 13.15 -17.84 2.07
N THR A 236 12.64 -17.60 0.86
CA THR A 236 13.46 -17.71 -0.34
C THR A 236 14.52 -16.62 -0.38
N VAL A 237 14.17 -15.41 0.04
CA VAL A 237 15.13 -14.31 0.06
C VAL A 237 16.28 -14.62 1.02
N TYR A 238 15.95 -15.16 2.19
CA TYR A 238 17.00 -15.49 3.15
C TYR A 238 17.84 -16.67 2.69
N SER A 239 17.19 -17.71 2.16
CA SER A 239 17.93 -18.91 1.74
C SER A 239 18.93 -18.59 0.64
N TYR A 240 18.48 -17.91 -0.41
CA TYR A 240 19.35 -17.39 -1.47
C TYR A 240 19.63 -15.94 -1.12
N VAL A 241 20.75 -15.72 -0.39
CA VAL A 241 21.03 -14.43 0.22
C VAL A 241 20.93 -13.31 -0.81
N GLY A 242 19.96 -12.43 -0.62
CA GLY A 242 19.67 -11.42 -1.62
C GLY A 242 19.14 -10.10 -1.08
N GLU A 243 19.36 -9.83 0.21
CA GLU A 243 18.90 -8.56 0.78
C GLU A 243 19.59 -7.38 0.11
N SER A 244 20.88 -7.52 -0.22
CA SER A 244 21.58 -6.43 -0.91
C SER A 244 20.95 -6.15 -2.26
N LYS A 245 20.60 -7.20 -3.00
CA LYS A 245 20.00 -7.01 -4.32
C LYS A 245 18.65 -6.30 -4.22
N ALA A 246 17.81 -6.72 -3.26
CA ALA A 246 16.52 -6.07 -3.09
C ALA A 246 16.67 -4.61 -2.69
N LEU A 247 17.61 -4.33 -1.78
CA LEU A 247 17.83 -2.95 -1.36
C LEU A 247 18.32 -2.10 -2.52
N ASN A 248 19.25 -2.62 -3.32
CA ASN A 248 19.74 -1.86 -4.47
C ASN A 248 18.64 -1.62 -5.49
N ALA A 249 17.80 -2.63 -5.74
CA ALA A 249 16.69 -2.43 -6.67
C ALA A 249 15.71 -1.38 -6.15
N TYR A 250 15.41 -1.42 -4.85
CA TYR A 250 14.51 -0.43 -4.27
C TYR A 250 15.09 0.96 -4.36
N SER A 251 16.39 1.12 -4.07
CA SER A 251 17.01 2.44 -4.16
C SER A 251 17.04 2.95 -5.60
N ASP A 252 17.30 2.06 -6.55
CA ASP A 252 17.31 2.48 -7.95
C ASP A 252 15.91 2.82 -8.46
N ALA A 253 14.88 2.17 -7.93
CA ALA A 253 13.53 2.43 -8.39
C ALA A 253 13.04 3.83 -8.01
N ILE A 254 13.70 4.50 -7.07
CA ILE A 254 13.29 5.83 -6.64
C ILE A 254 14.38 6.84 -6.97
N GLN A 255 15.10 6.61 -8.07
CA GLN A 255 16.16 7.54 -8.47
C GLN A 255 15.60 8.81 -9.10
N TYR A 256 14.55 8.69 -9.92
CA TYR A 256 14.06 9.83 -10.67
C TYR A 256 13.22 10.77 -9.81
N THR A 257 12.63 10.25 -8.72
CA THR A 257 11.75 11.08 -7.90
C THR A 257 12.52 12.24 -7.28
N LEU A 258 13.83 12.10 -7.08
CA LEU A 258 14.63 13.21 -6.57
C LEU A 258 14.60 14.39 -7.54
N LYS A 259 14.91 14.14 -8.81
CA LYS A 259 14.91 15.23 -9.79
C LYS A 259 13.51 15.77 -10.00
N LEU A 260 12.50 14.90 -10.05
CA LEU A 260 11.13 15.39 -10.22
C LEU A 260 10.72 16.28 -9.05
N GLY A 261 11.06 15.90 -7.83
CA GLY A 261 10.75 16.73 -6.68
C GLY A 261 11.53 18.04 -6.66
N TYR A 262 12.78 18.01 -7.13
CA TYR A 262 13.56 19.24 -7.24
C TYR A 262 12.86 20.21 -8.20
N LYS A 263 12.42 19.70 -9.34
CA LYS A 263 11.71 20.53 -10.30
C LYS A 263 10.40 21.05 -9.72
N ALA A 264 9.68 20.20 -8.97
CA ALA A 264 8.44 20.65 -8.36
C ALA A 264 8.68 21.75 -7.33
N GLY A 265 9.73 21.62 -6.52
CA GLY A 265 10.05 22.65 -5.55
C GLY A 265 10.47 23.95 -6.22
N MET A 266 11.26 23.86 -7.30
CA MET A 266 11.63 25.07 -8.03
C MET A 266 10.40 25.74 -8.63
N ALA A 267 9.45 24.95 -9.13
CA ALA A 267 8.23 25.52 -9.67
C ALA A 267 7.42 26.23 -8.60
N LYS A 268 7.35 25.64 -7.41
CA LYS A 268 6.57 26.25 -6.32
C LYS A 268 7.17 27.59 -5.91
N GLY A 269 8.49 27.65 -5.78
CA GLY A 269 9.14 28.90 -5.42
C GLY A 269 8.95 29.98 -6.47
N LEU A 270 9.04 29.60 -7.75
CA LEU A 270 8.90 30.58 -8.82
C LEU A 270 7.49 31.16 -8.86
N GLY A 271 6.47 30.32 -8.68
CA GLY A 271 5.10 30.81 -8.77
C GLY A 271 4.76 31.80 -7.67
N LEU A 272 5.11 31.47 -6.43
CA LEU A 272 4.83 32.37 -5.31
C LEU A 272 5.60 33.67 -5.46
N GLY A 273 6.86 33.59 -5.87
CA GLY A 273 7.65 34.79 -6.08
C GLY A 273 7.06 35.67 -7.17
N CYS A 274 6.65 35.07 -8.28
CA CYS A 274 6.05 35.85 -9.37
C CYS A 274 4.75 36.51 -8.91
N THR A 275 3.93 35.77 -8.16
CA THR A 275 2.68 36.34 -7.66
C THR A 275 2.95 37.54 -6.76
N TYR A 276 3.88 37.39 -5.81
CA TYR A 276 4.17 38.48 -4.88
C TYR A 276 4.81 39.66 -5.60
N GLY A 277 5.65 39.39 -6.59
CA GLY A 277 6.25 40.49 -7.35
C GLY A 277 5.22 41.26 -8.16
N ILE A 278 4.31 40.55 -8.83
CA ILE A 278 3.25 41.23 -9.57
C ILE A 278 2.39 42.05 -8.62
N ALA A 279 2.09 41.49 -7.43
CA ALA A 279 1.33 42.24 -6.44
C ALA A 279 2.08 43.50 -6.01
N CYS A 280 3.41 43.40 -5.84
CA CYS A 280 4.18 44.56 -5.39
C CYS A 280 4.21 45.66 -6.45
N MET A 281 4.41 45.28 -7.73
CA MET A 281 4.38 46.30 -8.78
C MET A 281 2.99 46.92 -8.90
N SER A 282 1.94 46.11 -8.76
CA SER A 282 0.60 46.66 -8.77
C SER A 282 0.39 47.63 -7.62
N TRP A 283 0.91 47.31 -6.44
CA TRP A 283 0.79 48.19 -5.28
C TRP A 283 1.54 49.50 -5.51
N ALA A 284 2.73 49.43 -6.10
CA ALA A 284 3.48 50.66 -6.37
C ALA A 284 2.73 51.54 -7.36
N LEU A 285 2.23 50.95 -8.45
CA LEU A 285 1.50 51.73 -9.45
C LEU A 285 0.23 52.32 -8.85
N VAL A 286 -0.49 51.53 -8.05
CA VAL A 286 -1.74 52.00 -7.47
C VAL A 286 -1.46 53.11 -6.45
N PHE A 287 -0.33 53.03 -5.75
CA PHE A 287 0.04 54.12 -4.84
C PHE A 287 0.34 55.40 -5.60
N TRP A 288 1.10 55.30 -6.69
CA TRP A 288 1.43 56.50 -7.46
C TRP A 288 0.17 57.13 -8.04
N TYR A 289 -0.72 56.31 -8.62
CA TYR A 289 -1.95 56.85 -9.17
C TYR A 289 -2.86 57.43 -8.08
N ALA A 290 -2.90 56.79 -6.90
CA ALA A 290 -3.67 57.35 -5.81
C ALA A 290 -3.12 58.71 -5.40
N GLY A 291 -1.79 58.84 -5.35
CA GLY A 291 -1.20 60.12 -5.01
C GLY A 291 -1.55 61.20 -6.00
N VAL A 292 -1.43 60.90 -7.29
CA VAL A 292 -1.76 61.93 -8.29
C VAL A 292 -3.26 62.22 -8.27
N PHE A 293 -4.10 61.24 -7.89
CA PHE A 293 -5.52 61.49 -7.79
C PHE A 293 -5.84 62.43 -6.63
N ILE A 294 -5.21 62.20 -5.46
CA ILE A 294 -5.40 63.13 -4.35
C ILE A 294 -4.90 64.52 -4.72
N ARG A 295 -3.83 64.58 -5.52
CA ARG A 295 -3.39 65.88 -6.04
C ARG A 295 -4.47 66.52 -6.90
N ASN A 296 -5.14 65.72 -7.75
CA ASN A 296 -6.26 66.23 -8.52
C ASN A 296 -7.40 66.67 -7.61
N GLY A 297 -7.65 65.92 -6.53
CA GLY A 297 -8.70 66.23 -5.60
C GLY A 297 -9.97 65.43 -5.77
N GLN A 298 -10.04 64.52 -6.74
CA GLN A 298 -11.24 63.73 -6.94
C GLN A 298 -11.47 62.73 -5.81
N THR A 299 -10.39 62.26 -5.18
CA THR A 299 -10.48 61.34 -4.06
C THR A 299 -10.05 62.02 -2.78
N ASP A 300 -10.54 61.52 -1.64
CA ASP A 300 -10.29 62.13 -0.34
C ASP A 300 -10.02 61.07 0.75
N GLY A 301 -8.75 60.72 0.92
CA GLY A 301 -8.34 59.94 2.07
C GLY A 301 -8.93 58.55 2.18
N GLY A 302 -9.91 58.40 3.07
CA GLY A 302 -10.53 57.13 3.39
C GLY A 302 -10.84 56.23 2.21
N LYS A 303 -11.25 56.80 1.08
CA LYS A 303 -11.49 56.00 -0.12
C LYS A 303 -10.20 55.34 -0.60
N ALA A 304 -9.12 56.13 -0.69
CA ALA A 304 -7.83 55.58 -1.07
C ALA A 304 -7.35 54.56 -0.05
N PHE A 305 -7.56 54.84 1.24
CA PHE A 305 -7.20 53.89 2.28
C PHE A 305 -7.91 52.55 2.08
N THR A 306 -9.22 52.59 1.87
CA THR A 306 -9.99 51.37 1.71
C THR A 306 -9.54 50.59 0.47
N ALA A 307 -9.35 51.30 -0.65
CA ALA A 307 -8.91 50.62 -1.86
C ALA A 307 -7.53 49.99 -1.68
N ILE A 308 -6.61 50.71 -1.02
CA ILE A 308 -5.27 50.20 -0.81
C ILE A 308 -5.30 48.94 0.05
N PHE A 309 -6.05 48.99 1.15
CA PHE A 309 -6.13 47.84 2.03
C PHE A 309 -6.77 46.65 1.32
N SER A 310 -7.81 46.90 0.52
CA SER A 310 -8.43 45.82 -0.23
C SER A 310 -7.44 45.18 -1.20
N ALA A 311 -6.67 46.00 -1.91
CA ALA A 311 -5.70 45.44 -2.86
C ALA A 311 -4.63 44.62 -2.14
N ILE A 312 -4.13 45.12 -1.01
CA ILE A 312 -3.09 44.40 -0.27
C ILE A 312 -3.63 43.06 0.21
N VAL A 313 -4.84 43.06 0.77
CA VAL A 313 -5.41 41.82 1.29
C VAL A 313 -5.69 40.85 0.15
N GLY A 314 -6.11 41.36 -1.02
CA GLY A 314 -6.34 40.47 -2.14
C GLY A 314 -5.08 39.79 -2.62
N GLY A 315 -4.00 40.55 -2.76
CA GLY A 315 -2.73 39.94 -3.15
C GLY A 315 -2.26 38.92 -2.13
N MET A 316 -2.37 39.25 -0.85
CA MET A 316 -2.00 38.33 0.21
C MET A 316 -2.82 37.04 0.16
N SER A 317 -4.14 37.16 -0.06
CA SER A 317 -4.99 35.99 -0.13
C SER A 317 -4.64 35.10 -1.32
N LEU A 318 -4.34 35.72 -2.46
CA LEU A 318 -3.92 34.93 -3.62
C LEU A 318 -2.63 34.17 -3.32
N GLY A 319 -1.65 34.85 -2.71
CA GLY A 319 -0.42 34.18 -2.33
C GLY A 319 -0.65 33.03 -1.38
N GLN A 320 -1.62 33.17 -0.48
CA GLN A 320 -1.96 32.08 0.43
C GLN A 320 -2.61 30.91 -0.31
N SER A 321 -3.54 31.21 -1.23
CA SER A 321 -4.30 30.16 -1.91
C SER A 321 -3.50 29.40 -2.95
N PHE A 322 -2.32 29.91 -3.33
CA PHE A 322 -1.44 29.18 -4.25
C PHE A 322 -1.21 27.73 -3.79
N SER A 323 -0.96 27.53 -2.49
CA SER A 323 -0.69 26.19 -1.98
C SER A 323 -1.89 25.26 -2.13
N ASN A 324 -3.10 25.78 -1.86
CA ASN A 324 -4.30 24.99 -2.07
C ASN A 324 -4.46 24.62 -3.54
N LEU A 325 -4.08 25.53 -4.44
CA LEU A 325 -4.09 25.20 -5.86
C LEU A 325 -3.18 24.02 -6.17
N GLY A 326 -1.98 24.03 -5.60
CA GLY A 326 -1.08 22.90 -5.81
C GLY A 326 -1.65 21.60 -5.26
N ALA A 327 -2.26 21.66 -4.08
CA ALA A 327 -2.88 20.47 -3.51
C ALA A 327 -3.98 19.93 -4.40
N PHE A 328 -4.79 20.81 -4.97
CA PHE A 328 -5.83 20.37 -5.89
C PHE A 328 -5.23 19.71 -7.12
N SER A 329 -4.12 20.24 -7.63
CA SER A 329 -3.45 19.63 -8.78
C SER A 329 -3.03 18.20 -8.47
N LYS A 330 -2.38 17.99 -7.33
CA LYS A 330 -1.96 16.64 -6.96
C LYS A 330 -3.18 15.73 -6.78
N GLY A 331 -4.24 16.26 -6.17
CA GLY A 331 -5.43 15.45 -5.95
C GLY A 331 -6.05 14.96 -7.25
N LYS A 332 -6.19 15.86 -8.23
CA LYS A 332 -6.75 15.44 -9.51
C LYS A 332 -5.82 14.48 -10.25
N ALA A 333 -4.50 14.66 -10.10
CA ALA A 333 -3.56 13.73 -10.72
C ALA A 333 -3.76 12.32 -10.19
N ALA A 334 -3.99 12.17 -8.88
CA ALA A 334 -4.25 10.83 -8.34
C ALA A 334 -5.66 10.35 -8.67
N GLY A 335 -6.62 11.26 -8.71
CA GLY A 335 -7.99 10.89 -9.00
C GLY A 335 -8.17 10.31 -10.39
N TYR A 336 -7.38 10.78 -11.36
CA TYR A 336 -7.44 10.16 -12.68
C TYR A 336 -7.13 8.68 -12.62
N LYS A 337 -6.04 8.33 -11.93
CA LYS A 337 -5.63 6.93 -11.84
C LYS A 337 -6.67 6.10 -11.09
N LEU A 338 -7.25 6.66 -10.03
CA LEU A 338 -8.31 5.91 -9.34
C LEU A 338 -9.53 5.70 -10.21
N MET A 339 -9.96 6.73 -10.94
CA MET A 339 -11.19 6.63 -11.71
C MET A 339 -11.02 5.74 -12.94
N GLU A 340 -9.80 5.64 -13.45
CA GLU A 340 -9.58 4.86 -14.68
C GLU A 340 -9.86 3.38 -14.45
N ILE A 341 -9.50 2.85 -13.28
CA ILE A 341 -9.67 1.43 -13.02
C ILE A 341 -11.14 1.07 -12.86
N ILE A 342 -11.89 1.86 -12.11
CA ILE A 342 -13.27 1.50 -11.80
C ILE A 342 -14.15 1.59 -13.04
N ASN A 343 -13.91 2.58 -13.89
CA ASN A 343 -14.71 2.75 -15.10
C ASN A 343 -14.46 1.68 -16.14
N GLN A 344 -13.37 0.92 -16.02
CA GLN A 344 -13.09 -0.16 -16.96
C GLN A 344 -14.18 -1.23 -16.86
N ARG A 345 -14.99 -1.35 -17.91
CA ARG A 345 -16.04 -2.36 -17.91
C ARG A 345 -15.43 -3.76 -17.90
N PRO A 346 -16.09 -4.72 -17.25
CA PRO A 346 -15.51 -6.06 -17.15
C PRO A 346 -15.45 -6.78 -18.48
N THR A 347 -14.96 -8.01 -18.47
CA THR A 347 -14.86 -8.81 -19.68
C THR A 347 -16.25 -9.36 -20.01
N ILE A 348 -16.34 -10.28 -20.96
CA ILE A 348 -17.64 -10.79 -21.38
C ILE A 348 -18.32 -11.52 -20.23
N ILE A 349 -19.61 -11.28 -20.08
CA ILE A 349 -20.45 -12.09 -19.20
C ILE A 349 -21.61 -12.67 -20.02
N GLN A 350 -22.45 -11.79 -20.58
CA GLN A 350 -23.41 -12.11 -21.64
C GLN A 350 -24.23 -13.37 -21.30
N ASP A 351 -24.31 -13.72 -20.03
CA ASP A 351 -24.86 -15.04 -19.76
C ASP A 351 -26.39 -15.19 -19.85
N PRO A 352 -27.24 -14.19 -19.49
CA PRO A 352 -28.67 -14.47 -19.52
C PRO A 352 -29.29 -14.31 -20.91
N LEU A 353 -29.54 -15.40 -21.63
CA LEU A 353 -30.32 -15.32 -22.86
C LEU A 353 -31.59 -16.15 -22.80
N ASP A 354 -31.48 -17.47 -22.65
CA ASP A 354 -32.67 -18.32 -22.51
C ASP A 354 -32.62 -19.14 -21.23
N GLY A 355 -31.48 -19.80 -20.98
CA GLY A 355 -31.34 -20.68 -19.85
C GLY A 355 -30.96 -19.96 -18.57
N LYS A 356 -31.87 -19.11 -18.07
CA LYS A 356 -31.59 -18.39 -16.84
C LYS A 356 -31.40 -19.33 -15.66
N CYS A 357 -32.26 -20.35 -15.55
CA CYS A 357 -32.18 -21.31 -14.46
C CYS A 357 -32.82 -22.62 -14.94
N LEU A 358 -31.98 -23.58 -15.29
CA LEU A 358 -32.44 -24.89 -15.73
C LEU A 358 -32.42 -25.85 -14.56
N ASP A 359 -33.54 -26.56 -14.35
CA ASP A 359 -33.66 -27.52 -13.27
C ASP A 359 -33.26 -28.92 -13.67
N GLN A 360 -32.88 -29.13 -14.94
CA GLN A 360 -32.49 -30.43 -15.45
C GLN A 360 -30.97 -30.61 -15.46
N VAL A 361 -30.28 -30.01 -14.49
CA VAL A 361 -28.82 -30.09 -14.46
C VAL A 361 -28.41 -31.51 -14.10
N HIS A 362 -27.51 -32.09 -14.91
CA HIS A 362 -26.97 -33.41 -14.66
C HIS A 362 -25.48 -33.51 -14.96
N GLY A 363 -24.83 -32.45 -15.38
CA GLY A 363 -23.45 -32.52 -15.84
C GLY A 363 -23.37 -32.64 -17.36
N ASN A 364 -22.81 -33.76 -17.84
CA ASN A 364 -22.68 -34.05 -19.26
C ASN A 364 -22.00 -32.89 -20.00
N ILE A 365 -20.75 -32.66 -19.63
CA ILE A 365 -19.97 -31.60 -20.26
C ILE A 365 -19.59 -32.04 -21.68
N GLU A 366 -19.99 -31.24 -22.66
CA GLU A 366 -19.69 -31.51 -24.06
C GLU A 366 -18.64 -30.52 -24.56
N PHE A 367 -17.56 -31.05 -25.13
CA PHE A 367 -16.52 -30.25 -25.77
C PHE A 367 -16.48 -30.59 -27.25
N LYS A 368 -16.60 -29.57 -28.09
CA LYS A 368 -16.67 -29.75 -29.54
C LYS A 368 -15.76 -28.75 -30.23
N ASP A 369 -14.76 -29.24 -30.95
CA ASP A 369 -13.84 -28.45 -31.77
C ASP A 369 -13.45 -27.14 -31.10
N VAL A 370 -13.06 -27.25 -29.84
CA VAL A 370 -12.72 -26.08 -29.02
C VAL A 370 -11.22 -25.84 -29.11
N THR A 371 -10.84 -24.66 -29.58
CA THR A 371 -9.46 -24.21 -29.59
C THR A 371 -9.27 -23.14 -28.52
N PHE A 372 -8.02 -22.95 -28.10
CA PHE A 372 -7.75 -22.00 -27.03
C PHE A 372 -6.30 -21.53 -27.09
N SER A 373 -6.11 -20.22 -26.96
CA SER A 373 -4.78 -19.63 -26.86
C SER A 373 -4.80 -18.61 -25.74
N TYR A 374 -3.82 -18.69 -24.84
CA TYR A 374 -3.79 -17.81 -23.69
C TYR A 374 -3.48 -16.38 -24.11
N PRO A 375 -4.03 -15.38 -23.41
CA PRO A 375 -3.75 -13.98 -23.75
C PRO A 375 -2.27 -13.63 -23.66
N SER A 376 -1.54 -14.22 -22.71
CA SER A 376 -0.12 -13.90 -22.56
C SER A 376 0.69 -14.33 -23.78
N ARG A 377 0.40 -15.51 -24.31
CA ARG A 377 1.10 -16.06 -25.48
C ARG A 377 0.07 -16.47 -26.52
N PRO A 378 -0.54 -15.50 -27.21
CA PRO A 378 -1.60 -15.83 -28.18
C PRO A 378 -1.12 -16.66 -29.37
N ASP A 379 0.18 -16.64 -29.67
CA ASP A 379 0.67 -17.39 -30.82
C ASP A 379 0.65 -18.90 -30.57
N VAL A 380 0.93 -19.33 -29.35
CA VAL A 380 0.95 -20.76 -29.03
C VAL A 380 -0.49 -21.26 -28.92
N MET A 381 -0.78 -22.35 -29.63
CA MET A 381 -2.11 -22.96 -29.62
C MET A 381 -2.09 -24.15 -28.66
N ILE A 382 -2.73 -23.98 -27.51
CA ILE A 382 -2.78 -25.07 -26.53
C ILE A 382 -3.68 -26.19 -27.02
N PHE A 383 -4.84 -25.86 -27.57
CA PHE A 383 -5.82 -26.84 -28.03
C PHE A 383 -6.09 -26.66 -29.51
N ARG A 384 -6.32 -27.77 -30.21
CA ARG A 384 -6.62 -27.77 -31.64
C ARG A 384 -7.66 -28.87 -31.89
N ASN A 385 -8.91 -28.47 -32.10
CA ASN A 385 -10.02 -29.40 -32.34
C ASN A 385 -10.15 -30.39 -31.18
N PHE A 386 -10.46 -29.84 -30.01
CA PHE A 386 -10.54 -30.63 -28.79
C PHE A 386 -11.96 -31.14 -28.58
N ASN A 387 -12.10 -32.46 -28.43
CA ASN A 387 -13.39 -33.10 -28.19
C ASN A 387 -13.24 -34.08 -27.04
N ILE A 388 -14.19 -34.07 -26.12
CA ILE A 388 -14.17 -34.97 -24.97
C ILE A 388 -15.59 -35.04 -24.40
N PHE A 389 -15.90 -36.14 -23.71
CA PHE A 389 -17.21 -36.39 -23.15
C PHE A 389 -17.09 -36.66 -21.66
N PHE A 390 -17.99 -36.05 -20.88
CA PHE A 390 -18.04 -36.22 -19.42
C PHE A 390 -19.45 -36.66 -19.04
N PRO A 391 -19.77 -37.94 -19.22
CA PRO A 391 -21.14 -38.40 -18.94
C PRO A 391 -21.48 -38.29 -17.46
N SER A 392 -22.78 -38.13 -17.20
CA SER A 392 -23.26 -37.96 -15.84
C SER A 392 -23.07 -39.22 -15.01
N GLY A 393 -22.75 -39.05 -13.73
CA GLY A 393 -22.60 -40.17 -12.83
C GLY A 393 -21.42 -41.07 -13.12
N LYS A 394 -20.49 -40.62 -13.96
CA LYS A 394 -19.33 -41.41 -14.35
C LYS A 394 -18.06 -40.68 -13.91
N THR A 395 -17.15 -41.41 -13.27
CA THR A 395 -15.92 -40.83 -12.74
C THR A 395 -14.87 -40.78 -13.85
N VAL A 396 -15.01 -39.78 -14.71
CA VAL A 396 -14.08 -39.61 -15.83
C VAL A 396 -12.77 -39.04 -15.30
N ALA A 397 -11.66 -39.64 -15.68
CA ALA A 397 -10.34 -39.23 -15.25
C ALA A 397 -9.55 -38.66 -16.42
N VAL A 398 -8.71 -37.66 -16.12
CA VAL A 398 -7.88 -37.00 -17.12
C VAL A 398 -6.42 -37.19 -16.73
N VAL A 399 -5.63 -37.73 -17.66
CA VAL A 399 -4.21 -37.95 -17.44
C VAL A 399 -3.46 -37.49 -18.70
N GLY A 400 -2.18 -37.20 -18.53
CA GLY A 400 -1.37 -36.76 -19.64
C GLY A 400 0.03 -36.38 -19.19
N GLY A 401 0.74 -35.72 -20.09
CA GLY A 401 2.09 -35.29 -19.83
C GLY A 401 2.14 -34.10 -18.90
N SER A 402 3.37 -33.69 -18.57
CA SER A 402 3.62 -32.59 -17.64
C SER A 402 3.43 -31.26 -18.36
N GLY A 403 2.18 -30.84 -18.49
CA GLY A 403 1.89 -29.51 -19.01
C GLY A 403 1.25 -29.48 -20.38
N SER A 404 0.52 -30.53 -20.75
CA SER A 404 -0.09 -30.55 -22.08
C SER A 404 -1.42 -29.80 -22.10
N GLY A 405 -2.43 -30.33 -21.42
CA GLY A 405 -3.74 -29.70 -21.42
C GLY A 405 -4.56 -29.89 -20.17
N LYS A 406 -3.96 -30.44 -19.10
CA LYS A 406 -4.74 -30.97 -17.99
C LYS A 406 -5.50 -29.86 -17.25
N SER A 407 -4.79 -28.90 -16.68
CA SER A 407 -5.46 -27.87 -15.89
C SER A 407 -6.13 -26.80 -16.76
N THR A 408 -5.79 -26.75 -18.06
CA THR A 408 -6.45 -25.79 -18.94
C THR A 408 -7.92 -26.12 -19.11
N VAL A 409 -8.29 -27.40 -19.08
CA VAL A 409 -9.69 -27.79 -19.20
C VAL A 409 -10.49 -27.25 -18.02
N VAL A 410 -9.93 -27.37 -16.82
CA VAL A 410 -10.61 -26.86 -15.63
C VAL A 410 -10.77 -25.35 -15.71
N SER A 411 -9.73 -24.66 -16.19
CA SER A 411 -9.81 -23.21 -16.35
C SER A 411 -10.89 -22.82 -17.35
N LEU A 412 -10.98 -23.56 -18.46
CA LEU A 412 -12.01 -23.28 -19.45
C LEU A 412 -13.41 -23.52 -18.89
N ILE A 413 -13.58 -24.59 -18.13
CA ILE A 413 -14.89 -24.90 -17.56
C ILE A 413 -15.31 -23.84 -16.56
N GLU A 414 -14.38 -23.39 -15.71
CA GLU A 414 -14.74 -22.48 -14.63
C GLU A 414 -14.72 -21.03 -15.13
N ARG A 415 -15.33 -20.80 -16.30
CA ARG A 415 -15.53 -19.48 -16.89
C ARG A 415 -14.38 -18.51 -16.64
N PHE A 416 -13.15 -18.97 -16.85
CA PHE A 416 -11.99 -18.08 -16.69
C PHE A 416 -11.63 -17.40 -18.00
N TYR A 417 -11.61 -18.18 -19.09
CA TYR A 417 -11.30 -17.67 -20.41
C TYR A 417 -12.27 -18.29 -21.41
N ASP A 418 -12.76 -17.49 -22.33
CA ASP A 418 -13.61 -18.07 -23.36
C ASP A 418 -12.76 -18.77 -24.42
N PRO A 419 -13.33 -19.75 -25.12
CA PRO A 419 -12.63 -20.34 -26.26
C PRO A 419 -12.77 -19.43 -27.48
N ASN A 420 -11.65 -19.25 -28.19
CA ASN A 420 -11.68 -18.40 -29.37
C ASN A 420 -12.47 -19.02 -30.51
N SER A 421 -12.75 -20.32 -30.44
CA SER A 421 -13.59 -20.98 -31.42
C SER A 421 -14.30 -22.15 -30.75
N GLY A 422 -15.41 -22.55 -31.36
CA GLY A 422 -16.19 -23.65 -30.82
C GLY A 422 -17.02 -23.24 -29.62
N GLN A 423 -17.60 -24.24 -28.98
CA GLN A 423 -18.43 -24.00 -27.80
C GLN A 423 -18.45 -25.26 -26.94
N ILE A 424 -18.83 -25.07 -25.67
CA ILE A 424 -18.91 -26.15 -24.70
C ILE A 424 -20.29 -26.14 -24.06
N LEU A 425 -20.85 -27.33 -23.86
CA LEU A 425 -22.27 -27.52 -23.56
C LEU A 425 -22.45 -28.11 -22.18
N LEU A 426 -23.33 -27.51 -21.39
CA LEU A 426 -23.77 -28.09 -20.10
C LEU A 426 -25.05 -28.90 -20.27
N ASP A 427 -25.05 -29.78 -21.27
CA ASP A 427 -26.05 -30.82 -21.49
C ASP A 427 -27.40 -30.26 -21.93
N GLY A 428 -27.60 -28.95 -21.84
CA GLY A 428 -28.82 -28.37 -22.36
C GLY A 428 -28.60 -27.14 -23.21
N VAL A 429 -27.45 -26.47 -22.99
CA VAL A 429 -27.18 -25.19 -23.62
C VAL A 429 -25.70 -24.90 -23.43
N GLU A 430 -25.15 -24.03 -24.29
CA GLU A 430 -23.76 -23.63 -24.14
C GLU A 430 -23.58 -22.85 -22.84
N ILE A 431 -22.42 -23.06 -22.20
CA ILE A 431 -22.13 -22.41 -20.93
C ILE A 431 -22.09 -20.90 -21.05
N LYS A 432 -21.85 -20.39 -22.27
CA LYS A 432 -21.91 -18.96 -22.49
C LYS A 432 -23.28 -18.37 -22.16
N THR A 433 -24.33 -19.19 -22.15
CA THR A 433 -25.68 -18.75 -21.79
C THR A 433 -26.11 -19.50 -20.53
N LEU A 434 -25.93 -18.86 -19.38
CA LEU A 434 -26.26 -19.39 -18.06
C LEU A 434 -26.46 -18.21 -17.12
N GLN A 435 -26.39 -18.47 -15.81
CA GLN A 435 -26.22 -17.43 -14.82
C GLN A 435 -24.90 -17.67 -14.10
N LEU A 436 -24.06 -16.64 -14.03
CA LEU A 436 -22.71 -16.81 -13.50
C LEU A 436 -22.75 -17.29 -12.06
N LYS A 437 -23.59 -16.66 -11.23
CA LYS A 437 -23.72 -17.11 -9.84
C LYS A 437 -24.27 -18.52 -9.77
N PHE A 438 -25.24 -18.84 -10.64
CA PHE A 438 -25.78 -20.19 -10.68
C PHE A 438 -24.74 -21.20 -11.11
N LEU A 439 -23.95 -20.87 -12.14
CA LEU A 439 -22.99 -21.82 -12.69
C LEU A 439 -21.90 -22.17 -11.70
N ARG A 440 -21.26 -21.15 -11.12
CA ARG A 440 -20.13 -21.38 -10.22
C ARG A 440 -20.55 -22.14 -8.96
N GLU A 441 -21.84 -22.07 -8.59
CA GLU A 441 -22.30 -22.76 -7.40
C GLU A 441 -22.46 -24.25 -7.63
N GLN A 442 -22.88 -24.66 -8.82
CA GLN A 442 -23.13 -26.07 -9.09
C GLN A 442 -21.87 -26.90 -9.27
N ILE A 443 -20.71 -26.26 -9.43
CA ILE A 443 -19.45 -26.96 -9.63
C ILE A 443 -18.48 -26.54 -8.52
N GLY A 444 -17.88 -27.52 -7.86
CA GLY A 444 -16.95 -27.24 -6.79
C GLY A 444 -15.51 -27.50 -7.20
N LEU A 445 -14.74 -26.44 -7.36
CA LEU A 445 -13.38 -26.55 -7.86
C LEU A 445 -12.40 -26.71 -6.70
N VAL A 446 -11.42 -27.59 -6.89
CA VAL A 446 -10.33 -27.77 -5.93
C VAL A 446 -9.04 -27.31 -6.61
N ASN A 447 -8.34 -26.38 -5.99
CA ASN A 447 -7.13 -25.83 -6.57
C ASN A 447 -6.02 -26.88 -6.60
N GLN A 448 -5.12 -26.74 -7.59
CA GLN A 448 -3.94 -27.59 -7.63
C GLN A 448 -3.08 -27.37 -6.39
N GLU A 449 -2.80 -26.11 -6.06
CA GLU A 449 -2.11 -25.75 -4.83
C GLU A 449 -3.02 -24.83 -4.03
N PRO A 450 -3.62 -25.31 -2.94
CA PRO A 450 -4.60 -24.49 -2.22
C PRO A 450 -3.98 -23.20 -1.68
N ALA A 451 -4.79 -22.14 -1.70
CA ALA A 451 -4.38 -20.82 -1.25
C ALA A 451 -5.29 -20.41 -0.09
N LEU A 452 -4.90 -20.78 1.12
CA LEU A 452 -5.69 -20.44 2.30
C LEU A 452 -5.50 -18.97 2.64
N PHE A 453 -6.61 -18.29 2.91
CA PHE A 453 -6.55 -16.89 3.31
C PHE A 453 -6.04 -16.77 4.75
N ALA A 454 -5.72 -15.54 5.14
CA ALA A 454 -5.20 -15.27 6.48
C ALA A 454 -6.39 -15.10 7.43
N THR A 455 -6.99 -16.22 7.80
CA THR A 455 -8.15 -16.24 8.67
C THR A 455 -8.21 -17.62 9.33
N THR A 456 -8.93 -17.72 10.43
CA THR A 456 -9.02 -18.96 11.20
C THR A 456 -9.51 -20.12 10.34
N ILE A 457 -9.28 -21.33 10.84
CA ILE A 457 -9.62 -22.54 10.11
C ILE A 457 -11.12 -22.62 9.86
N LEU A 458 -11.92 -22.33 10.90
CA LEU A 458 -13.37 -22.49 10.78
C LEU A 458 -13.94 -21.56 9.71
N GLU A 459 -13.49 -20.31 9.68
CA GLU A 459 -14.00 -19.39 8.68
C GLU A 459 -13.51 -19.78 7.28
N ASN A 460 -12.28 -20.33 7.20
CA ASN A 460 -11.80 -20.86 5.93
C ASN A 460 -12.71 -21.96 5.40
N ILE A 461 -13.16 -22.86 6.29
CA ILE A 461 -14.11 -23.89 5.86
C ILE A 461 -15.45 -23.24 5.50
N LEU A 462 -15.84 -22.19 6.23
CA LEU A 462 -17.10 -21.51 5.94
C LEU A 462 -17.06 -20.73 4.63
N TYR A 463 -15.90 -20.59 4.00
CA TYR A 463 -15.84 -20.06 2.64
C TYR A 463 -16.80 -20.77 1.70
N GLY A 464 -16.91 -22.10 1.82
CA GLY A 464 -17.79 -22.86 0.97
C GLY A 464 -19.25 -22.48 1.07
N LYS A 465 -19.86 -22.75 2.22
CA LYS A 465 -21.26 -22.39 2.47
C LYS A 465 -21.33 -21.50 3.70
N PRO A 466 -21.52 -20.19 3.53
CA PRO A 466 -21.54 -19.29 4.69
C PRO A 466 -22.70 -19.54 5.65
N ASP A 467 -23.73 -20.25 5.23
CA ASP A 467 -24.92 -20.49 6.05
C ASP A 467 -24.92 -21.88 6.68
N ALA A 468 -23.76 -22.36 7.09
CA ALA A 468 -23.61 -23.68 7.69
C ALA A 468 -23.35 -23.54 9.17
N THR A 469 -24.05 -24.32 9.98
CA THR A 469 -23.86 -24.30 11.43
C THR A 469 -22.65 -25.14 11.79
N MET A 470 -22.44 -25.33 13.11
CA MET A 470 -21.25 -26.06 13.55
C MET A 470 -21.31 -27.54 13.19
N VAL A 471 -22.51 -28.13 13.20
CA VAL A 471 -22.63 -29.58 12.94
C VAL A 471 -22.21 -29.90 11.51
N GLU A 472 -22.66 -29.09 10.54
CA GLU A 472 -22.30 -29.35 9.15
C GLU A 472 -20.80 -29.21 8.93
N VAL A 473 -20.19 -28.18 9.53
CA VAL A 473 -18.75 -28.00 9.39
C VAL A 473 -17.99 -29.15 10.03
N GLU A 474 -18.44 -29.61 11.19
CA GLU A 474 -17.79 -30.75 11.84
C GLU A 474 -17.91 -32.01 11.00
N ALA A 475 -19.09 -32.24 10.40
CA ALA A 475 -19.26 -33.41 9.54
C ALA A 475 -18.35 -33.33 8.32
N ALA A 476 -18.26 -32.15 7.70
CA ALA A 476 -17.39 -32.00 6.54
C ALA A 476 -15.93 -32.21 6.92
N ALA A 477 -15.50 -31.68 8.07
CA ALA A 477 -14.12 -31.87 8.51
C ALA A 477 -13.83 -33.34 8.79
N SER A 478 -14.78 -34.03 9.44
CA SER A 478 -14.59 -35.44 9.73
C SER A 478 -14.56 -36.29 8.46
N ALA A 479 -15.33 -35.91 7.45
CA ALA A 479 -15.32 -36.66 6.19
C ALA A 479 -13.95 -36.56 5.51
N ALA A 480 -13.36 -35.38 5.51
CA ALA A 480 -12.09 -35.14 4.82
C ALA A 480 -10.88 -35.55 5.64
N ASN A 481 -11.06 -36.31 6.71
CA ASN A 481 -9.97 -36.75 7.59
C ASN A 481 -9.16 -35.56 8.09
N ALA A 482 -9.86 -34.64 8.74
CA ALA A 482 -9.23 -33.45 9.30
C ALA A 482 -9.62 -33.19 10.75
N HIS A 483 -10.49 -34.03 11.33
CA HIS A 483 -10.90 -33.80 12.71
C HIS A 483 -9.76 -34.01 13.70
N SER A 484 -8.88 -34.98 13.42
CA SER A 484 -7.85 -35.34 14.39
C SER A 484 -6.88 -34.20 14.62
N PHE A 485 -6.33 -33.63 13.54
CA PHE A 485 -5.31 -32.60 13.70
C PHE A 485 -5.91 -31.26 14.10
N ILE A 486 -7.17 -31.01 13.75
CA ILE A 486 -7.81 -29.76 14.13
C ILE A 486 -8.07 -29.72 15.63
N THR A 487 -8.58 -30.83 16.19
CA THR A 487 -8.92 -30.86 17.61
C THR A 487 -7.70 -30.95 18.51
N LEU A 488 -6.53 -31.31 17.96
CA LEU A 488 -5.31 -31.36 18.76
C LEU A 488 -4.65 -30.00 18.92
N LEU A 489 -5.06 -29.01 18.14
CA LEU A 489 -4.48 -27.68 18.25
C LEU A 489 -4.89 -27.02 19.56
N PRO A 490 -4.11 -26.07 20.06
CA PRO A 490 -4.45 -25.42 21.34
C PRO A 490 -5.78 -24.69 21.29
N LYS A 491 -5.94 -23.77 20.34
CA LYS A 491 -7.20 -23.05 20.22
C LYS A 491 -8.29 -23.93 19.63
N GLY A 492 -7.95 -24.76 18.66
CA GLY A 492 -8.91 -25.64 18.04
C GLY A 492 -9.33 -25.19 16.65
N TYR A 493 -10.56 -24.71 16.51
CA TYR A 493 -11.08 -24.25 15.24
C TYR A 493 -10.84 -22.76 15.00
N ASP A 494 -10.13 -22.09 15.90
CA ASP A 494 -9.89 -20.66 15.78
C ASP A 494 -8.42 -20.32 15.53
N THR A 495 -7.57 -21.31 15.31
CA THR A 495 -6.16 -21.05 15.03
C THR A 495 -6.01 -20.35 13.70
N GLN A 496 -5.15 -19.33 13.66
CA GLN A 496 -4.88 -18.63 12.42
C GLN A 496 -3.83 -19.36 11.60
N VAL A 497 -3.94 -19.26 10.29
CA VAL A 497 -3.02 -19.91 9.36
C VAL A 497 -2.08 -18.93 8.70
N GLY A 498 -2.22 -17.63 8.95
CA GLY A 498 -1.30 -16.66 8.40
C GLY A 498 -1.50 -16.48 6.90
N GLU A 499 -0.49 -15.87 6.28
CA GLU A 499 -0.55 -15.55 4.86
C GLU A 499 -0.32 -16.81 4.03
N ARG A 500 -1.33 -17.21 3.26
CA ARG A 500 -1.25 -18.35 2.35
C ARG A 500 -0.93 -19.65 3.09
N GLY A 501 -1.25 -19.71 4.37
CA GLY A 501 -1.00 -20.91 5.15
C GLY A 501 0.45 -21.30 5.24
N VAL A 502 1.34 -20.31 5.31
CA VAL A 502 2.77 -20.62 5.41
C VAL A 502 3.10 -21.28 6.73
N GLN A 503 2.33 -20.99 7.78
CA GLN A 503 2.57 -21.55 9.10
C GLN A 503 1.79 -22.83 9.35
N LEU A 504 1.21 -23.42 8.31
CA LEU A 504 0.46 -24.67 8.42
C LEU A 504 1.12 -25.71 7.53
N SER A 505 0.99 -26.98 7.93
CA SER A 505 1.64 -28.06 7.21
C SER A 505 1.07 -28.22 5.80
N GLY A 506 1.90 -28.78 4.91
CA GLY A 506 1.45 -28.97 3.54
C GLY A 506 0.30 -29.94 3.42
N GLY A 507 0.40 -31.08 4.13
CA GLY A 507 -0.69 -32.05 4.09
C GLY A 507 -1.96 -31.52 4.73
N GLN A 508 -1.81 -30.77 5.83
CA GLN A 508 -2.98 -30.24 6.51
C GLN A 508 -3.66 -29.15 5.70
N LYS A 509 -2.90 -28.46 4.85
CA LYS A 509 -3.50 -27.47 3.96
C LYS A 509 -4.43 -28.12 2.95
N GLN A 510 -4.02 -29.27 2.40
CA GLN A 510 -4.84 -29.92 1.39
C GLN A 510 -6.13 -30.46 1.99
N ARG A 511 -6.08 -30.94 3.23
CA ARG A 511 -7.28 -31.44 3.88
C ARG A 511 -8.31 -30.32 4.07
N ILE A 512 -7.85 -29.12 4.40
CA ILE A 512 -8.76 -28.00 4.58
C ILE A 512 -9.46 -27.65 3.28
N ALA A 513 -8.71 -27.63 2.17
CA ALA A 513 -9.30 -27.33 0.88
C ALA A 513 -10.33 -28.39 0.48
N ILE A 514 -10.03 -29.66 0.75
CA ILE A 514 -10.97 -30.74 0.46
C ILE A 514 -12.25 -30.56 1.27
N ALA A 515 -12.12 -30.20 2.54
CA ALA A 515 -13.30 -29.96 3.37
C ALA A 515 -14.11 -28.78 2.86
N ARG A 516 -13.42 -27.72 2.43
CA ARG A 516 -14.12 -26.56 1.88
C ARG A 516 -14.90 -26.93 0.62
N ALA A 517 -14.29 -27.75 -0.23
CA ALA A 517 -15.01 -28.22 -1.43
C ALA A 517 -16.20 -29.09 -1.05
N MET A 518 -16.02 -29.97 -0.06
CA MET A 518 -17.08 -30.88 0.34
C MET A 518 -18.27 -30.13 0.92
N LEU A 519 -18.01 -29.08 1.70
CA LEU A 519 -19.10 -28.35 2.34
C LEU A 519 -20.04 -27.72 1.33
N LYS A 520 -19.52 -27.36 0.15
CA LYS A 520 -20.36 -26.73 -0.86
C LYS A 520 -21.40 -27.69 -1.41
N ASP A 521 -21.09 -28.99 -1.43
CA ASP A 521 -21.96 -30.04 -1.95
C ASP A 521 -22.41 -29.72 -3.37
N PRO A 522 -21.52 -29.79 -4.36
CA PRO A 522 -21.90 -29.48 -5.73
C PRO A 522 -22.35 -30.72 -6.49
N LYS A 523 -22.94 -30.48 -7.66
CA LYS A 523 -23.37 -31.56 -8.53
C LYS A 523 -22.27 -32.08 -9.44
N ILE A 524 -21.24 -31.28 -9.69
CA ILE A 524 -20.10 -31.68 -10.50
C ILE A 524 -18.83 -31.40 -9.70
N LEU A 525 -17.99 -32.41 -9.51
CA LEU A 525 -16.76 -32.28 -8.76
C LEU A 525 -15.58 -32.24 -9.71
N LEU A 526 -14.74 -31.21 -9.57
CA LEU A 526 -13.55 -31.03 -10.38
C LEU A 526 -12.33 -31.24 -9.48
N LEU A 527 -11.89 -32.49 -9.38
CA LEU A 527 -10.73 -32.84 -8.58
C LEU A 527 -9.48 -32.58 -9.41
N ASP A 528 -8.81 -31.46 -9.16
CA ASP A 528 -7.57 -31.12 -9.84
C ASP A 528 -6.43 -31.90 -9.21
N GLU A 529 -5.19 -31.50 -9.48
CA GLU A 529 -4.05 -32.26 -8.97
C GLU A 529 -3.89 -32.06 -7.48
N ALA A 530 -4.93 -32.41 -6.72
CA ALA A 530 -4.89 -32.42 -5.27
C ALA A 530 -4.54 -33.83 -4.79
N THR A 531 -4.69 -34.07 -3.50
CA THR A 531 -4.39 -35.37 -2.89
C THR A 531 -2.97 -35.81 -3.23
N SER A 532 -2.04 -34.87 -3.11
CA SER A 532 -0.63 -35.12 -3.39
C SER A 532 0.22 -35.20 -2.13
N ALA A 533 -0.06 -34.37 -1.12
CA ALA A 533 0.71 -34.40 0.11
C ALA A 533 0.36 -35.58 0.99
N LEU A 534 -0.90 -36.01 0.99
CA LEU A 534 -1.32 -37.13 1.81
C LEU A 534 -0.61 -38.41 1.35
N ASP A 535 0.17 -39.00 2.26
CA ASP A 535 1.04 -40.11 1.87
C ASP A 535 0.32 -41.39 1.45
N ALA A 536 -0.28 -42.12 2.40
CA ALA A 536 -0.90 -43.40 2.06
C ALA A 536 -2.27 -43.61 2.71
N SER A 537 -2.41 -43.18 3.96
CA SER A 537 -3.60 -43.52 4.74
C SER A 537 -4.68 -42.45 4.63
N SER A 538 -4.29 -41.18 4.78
CA SER A 538 -5.22 -40.10 4.49
C SER A 538 -5.73 -40.20 3.06
N GLU A 539 -4.90 -40.69 2.15
CA GLU A 539 -5.36 -40.94 0.78
C GLU A 539 -6.53 -41.92 0.77
N SER A 540 -6.37 -43.05 1.44
CA SER A 540 -7.44 -44.05 1.46
C SER A 540 -8.71 -43.48 2.10
N ILE A 541 -8.55 -42.73 3.20
CA ILE A 541 -9.71 -42.19 3.89
C ILE A 541 -10.45 -41.20 3.00
N VAL A 542 -9.72 -40.31 2.34
CA VAL A 542 -10.39 -39.31 1.49
C VAL A 542 -10.99 -39.97 0.26
N GLN A 543 -10.36 -41.02 -0.28
CA GLN A 543 -10.98 -41.73 -1.40
C GLN A 543 -12.27 -42.41 -0.98
N GLU A 544 -12.29 -43.00 0.23
CA GLU A 544 -13.53 -43.59 0.71
C GLU A 544 -14.62 -42.53 0.88
N ALA A 545 -14.26 -41.38 1.47
CA ALA A 545 -15.24 -40.31 1.62
C ALA A 545 -15.76 -39.86 0.26
N LEU A 546 -14.86 -39.66 -0.71
CA LEU A 546 -15.20 -39.21 -2.05
C LEU A 546 -16.13 -40.20 -2.72
N ASP A 547 -15.69 -41.43 -2.93
CA ASP A 547 -16.60 -42.43 -3.49
C ASP A 547 -17.44 -43.11 -2.42
N ARG A 548 -17.94 -42.32 -1.46
CA ARG A 548 -19.14 -42.65 -0.72
C ARG A 548 -20.16 -41.51 -0.69
N VAL A 549 -19.74 -40.26 -0.85
CA VAL A 549 -20.69 -39.15 -0.90
C VAL A 549 -20.83 -38.55 -2.29
N MET A 550 -19.83 -38.68 -3.15
CA MET A 550 -19.87 -38.12 -4.50
C MET A 550 -20.38 -39.10 -5.55
N VAL A 551 -20.85 -40.27 -5.14
CA VAL A 551 -21.40 -41.23 -6.08
C VAL A 551 -22.70 -40.68 -6.66
N GLY A 552 -22.92 -40.91 -7.95
CA GLY A 552 -24.10 -40.42 -8.62
C GLY A 552 -24.01 -39.01 -9.15
N ARG A 553 -22.83 -38.40 -9.13
CA ARG A 553 -22.64 -37.04 -9.62
C ARG A 553 -21.45 -37.02 -10.58
N THR A 554 -21.49 -36.06 -11.51
CA THR A 554 -20.41 -35.94 -12.49
C THR A 554 -19.09 -35.67 -11.80
N THR A 555 -18.06 -36.42 -12.18
CA THR A 555 -16.76 -36.38 -11.52
C THR A 555 -15.66 -36.25 -12.57
N VAL A 556 -14.77 -35.28 -12.38
CA VAL A 556 -13.60 -35.08 -13.22
C VAL A 556 -12.39 -35.13 -12.31
N VAL A 557 -11.49 -36.08 -12.54
CA VAL A 557 -10.31 -36.28 -11.71
C VAL A 557 -9.07 -36.07 -12.56
N VAL A 558 -8.19 -35.19 -12.10
CA VAL A 558 -6.92 -34.92 -12.77
C VAL A 558 -5.82 -35.28 -11.77
N ALA A 559 -5.33 -36.51 -11.86
CA ALA A 559 -4.37 -37.03 -10.90
C ALA A 559 -3.10 -37.47 -11.61
N HIS A 560 -1.94 -37.15 -11.00
CA HIS A 560 -0.67 -37.56 -11.56
C HIS A 560 -0.38 -39.03 -11.25
N ARG A 561 -0.34 -39.39 -9.97
CA ARG A 561 -0.10 -40.78 -9.60
C ARG A 561 -1.22 -41.66 -10.15
N LEU A 562 -0.82 -42.77 -10.79
CA LEU A 562 -1.76 -43.61 -11.51
C LEU A 562 -2.56 -44.54 -10.60
N CYS A 563 -2.14 -44.71 -9.35
CA CYS A 563 -2.82 -45.65 -8.45
C CYS A 563 -4.15 -45.10 -7.97
N THR A 564 -4.23 -43.77 -7.78
CA THR A 564 -5.46 -43.17 -7.30
C THR A 564 -6.61 -43.34 -8.27
N ILE A 565 -6.32 -43.36 -9.57
CA ILE A 565 -7.35 -43.46 -10.59
C ILE A 565 -7.45 -44.87 -11.16
N ARG A 566 -7.01 -45.88 -10.38
CA ARG A 566 -7.08 -47.26 -10.86
C ARG A 566 -8.53 -47.69 -11.08
N ASN A 567 -9.42 -47.35 -10.15
CA ASN A 567 -10.84 -47.73 -10.26
C ASN A 567 -11.62 -46.61 -10.95
N VAL A 568 -11.34 -46.45 -12.23
CA VAL A 568 -11.97 -45.44 -13.06
C VAL A 568 -12.57 -46.11 -14.29
N ASP A 569 -13.84 -45.81 -14.57
CA ASP A 569 -14.54 -46.44 -15.69
C ASP A 569 -13.93 -46.06 -17.03
N SER A 570 -13.63 -44.78 -17.23
CA SER A 570 -13.14 -44.29 -18.52
C SER A 570 -12.05 -43.26 -18.28
N ILE A 571 -10.86 -43.54 -18.80
CA ILE A 571 -9.69 -42.70 -18.61
C ILE A 571 -9.40 -42.04 -19.96
N ALA A 572 -9.76 -40.77 -20.09
CA ALA A 572 -9.56 -40.02 -21.33
C ALA A 572 -8.23 -39.27 -21.24
N VAL A 573 -7.21 -39.81 -21.89
CA VAL A 573 -5.91 -39.15 -21.90
C VAL A 573 -5.95 -37.91 -22.78
N ILE A 574 -5.28 -36.85 -22.34
CA ILE A 574 -5.23 -35.59 -23.06
C ILE A 574 -3.78 -35.34 -23.49
N GLN A 575 -3.59 -35.11 -24.78
CA GLN A 575 -2.28 -34.77 -25.32
C GLN A 575 -2.38 -33.47 -26.11
N GLN A 576 -1.32 -33.12 -26.83
CA GLN A 576 -1.33 -31.92 -27.64
C GLN A 576 -2.46 -31.97 -28.66
N GLY A 577 -3.19 -30.86 -28.79
CA GLY A 577 -4.29 -30.79 -29.72
C GLY A 577 -5.59 -31.35 -29.19
N GLN A 578 -5.69 -32.68 -29.08
CA GLN A 578 -6.92 -33.32 -28.68
C GLN A 578 -6.60 -34.60 -27.90
N VAL A 579 -7.66 -35.30 -27.49
CA VAL A 579 -7.52 -36.56 -26.75
C VAL A 579 -7.09 -37.66 -27.70
N VAL A 580 -6.69 -38.80 -27.14
CA VAL A 580 -6.25 -39.96 -27.91
C VAL A 580 -7.22 -41.13 -27.75
N GLU A 581 -7.44 -41.57 -26.52
CA GLU A 581 -8.25 -42.75 -26.25
C GLU A 581 -9.13 -42.51 -25.02
N THR A 582 -10.26 -43.20 -24.97
CA THR A 582 -11.24 -43.07 -23.89
C THR A 582 -11.70 -44.43 -23.41
N GLY A 583 -10.75 -45.35 -23.19
CA GLY A 583 -11.05 -46.67 -22.72
C GLY A 583 -10.92 -46.81 -21.21
N THR A 584 -11.13 -48.04 -20.75
CA THR A 584 -11.01 -48.36 -19.33
C THR A 584 -9.55 -48.74 -19.01
N HIS A 585 -9.32 -49.27 -17.81
CA HIS A 585 -7.97 -49.60 -17.39
C HIS A 585 -7.39 -50.73 -18.25
N GLU A 586 -8.07 -51.88 -18.28
CA GLU A 586 -7.53 -53.02 -19.01
C GLU A 586 -7.59 -52.82 -20.51
N GLU A 587 -8.63 -52.16 -21.01
CA GLU A 587 -8.79 -51.99 -22.45
C GLU A 587 -7.64 -51.18 -23.04
N LEU A 588 -7.23 -50.11 -22.37
CA LEU A 588 -6.14 -49.28 -22.87
C LEU A 588 -4.80 -50.00 -22.80
N ILE A 589 -4.65 -50.94 -21.86
CA ILE A 589 -3.41 -51.69 -21.75
C ILE A 589 -3.24 -52.61 -22.96
N ALA A 590 -4.35 -53.17 -23.46
CA ALA A 590 -4.29 -54.12 -24.57
C ALA A 590 -3.63 -53.49 -25.80
N LYS A 591 -4.12 -52.33 -26.23
CA LYS A 591 -3.50 -51.62 -27.34
C LYS A 591 -2.25 -50.87 -26.92
N SER A 592 -2.05 -50.69 -25.61
CA SER A 592 -0.90 -50.02 -25.00
C SER A 592 -0.94 -48.52 -25.23
N GLY A 593 -1.80 -48.07 -26.15
CA GLY A 593 -2.20 -46.67 -26.30
C GLY A 593 -1.15 -45.64 -25.97
N ALA A 594 -1.53 -44.71 -25.09
CA ALA A 594 -0.60 -43.83 -24.41
C ALA A 594 -0.77 -43.84 -22.90
N TYR A 595 -1.93 -44.28 -22.39
CA TYR A 595 -2.11 -44.48 -20.96
C TYR A 595 -1.20 -45.57 -20.42
N ALA A 596 -1.09 -46.69 -21.14
CA ALA A 596 -0.24 -47.77 -20.69
C ALA A 596 1.24 -47.38 -20.75
N SER A 597 1.58 -46.41 -21.60
CA SER A 597 2.95 -45.90 -21.63
C SER A 597 3.32 -45.31 -20.29
N LEU A 598 2.41 -44.53 -19.69
CA LEU A 598 2.66 -43.99 -18.36
C LEU A 598 2.80 -45.10 -17.33
N ILE A 599 2.01 -46.17 -17.47
CA ILE A 599 2.08 -47.28 -16.53
C ILE A 599 3.43 -47.95 -16.59
N ARG A 600 3.91 -48.26 -17.81
CA ARG A 600 5.20 -48.93 -17.92
C ARG A 600 6.34 -47.99 -17.55
N PHE A 601 6.17 -46.68 -17.74
CA PHE A 601 7.18 -45.74 -17.27
C PHE A 601 7.23 -45.72 -15.75
N GLN A 602 6.07 -45.72 -15.10
CA GLN A 602 6.03 -45.73 -13.63
C GLN A 602 6.62 -47.01 -13.08
N GLU A 603 6.39 -48.14 -13.75
CA GLU A 603 6.93 -49.40 -13.28
C GLU A 603 8.45 -49.40 -13.29
N MET A 604 9.05 -48.88 -14.37
CA MET A 604 10.51 -48.93 -14.47
C MET A 604 11.17 -47.90 -13.57
N VAL A 605 10.52 -46.77 -13.29
CA VAL A 605 11.06 -45.82 -12.32
C VAL A 605 11.09 -46.44 -10.93
N GLY A 606 10.03 -47.14 -10.55
CA GLY A 606 10.00 -47.78 -9.24
C GLY A 606 11.10 -48.80 -9.07
N THR A 607 11.38 -49.56 -10.12
CA THR A 607 12.45 -50.56 -10.07
C THR A 607 13.82 -49.90 -10.05
N GLU A 670 9.59 9.21 23.06
CA GLU A 670 9.72 10.63 23.38
C GLU A 670 11.04 11.19 22.88
N ASN A 671 11.04 12.49 22.56
CA ASN A 671 12.23 13.19 22.08
C ASN A 671 12.81 12.50 20.84
N TYR A 672 11.92 12.08 19.94
CA TYR A 672 12.34 11.46 18.69
C TYR A 672 12.35 12.42 17.51
N PHE A 673 11.63 13.54 17.59
CA PHE A 673 11.68 14.54 16.53
C PHE A 673 13.07 15.15 16.43
N TYR A 674 13.68 15.48 17.58
CA TYR A 674 15.04 15.99 17.59
C TYR A 674 16.02 14.97 17.03
N ARG A 675 15.80 13.68 17.36
CA ARG A 675 16.64 12.63 16.80
C ARG A 675 16.48 12.54 15.29
N LEU A 676 15.25 12.73 14.80
CA LEU A 676 15.03 12.70 13.36
C LEU A 676 15.74 13.84 12.66
N LEU A 677 15.70 15.04 13.24
CA LEU A 677 16.47 16.15 12.69
C LEU A 677 17.97 15.88 12.75
N LYS A 678 18.43 15.27 13.84
CA LYS A 678 19.84 14.87 13.94
C LYS A 678 20.20 13.88 12.85
N LEU A 679 19.26 13.05 12.43
CA LEU A 679 19.52 12.05 11.39
C LEU A 679 19.83 12.67 10.04
N ASN A 680 19.51 13.96 9.86
CA ASN A 680 19.72 14.65 8.58
C ASN A 680 20.98 15.49 8.61
N SER A 681 22.01 15.00 9.30
CA SER A 681 23.25 15.77 9.47
C SER A 681 23.97 16.11 8.17
N PRO A 682 24.18 15.18 7.23
CA PRO A 682 25.12 15.48 6.11
C PRO A 682 24.78 16.71 5.30
N GLU A 683 23.50 16.96 5.04
CA GLU A 683 23.10 18.12 4.22
C GLU A 683 22.72 19.31 5.11
N TRP A 684 23.67 19.72 5.95
CA TRP A 684 23.42 20.87 6.82
C TRP A 684 23.45 22.21 6.08
N PRO A 685 24.31 22.43 5.07
CA PRO A 685 24.28 23.75 4.43
C PRO A 685 22.96 24.10 3.79
N TYR A 686 22.28 23.11 3.19
CA TYR A 686 20.97 23.36 2.60
C TYR A 686 19.96 23.78 3.65
N SER A 687 19.97 23.10 4.81
CA SER A 687 19.06 23.46 5.88
C SER A 687 19.35 24.86 6.41
N ILE A 688 20.63 25.20 6.55
CA ILE A 688 21.00 26.53 7.06
C ILE A 688 20.53 27.61 6.10
N MET A 689 20.78 27.42 4.80
CA MET A 689 20.39 28.45 3.83
C MET A 689 18.87 28.53 3.70
N GLY A 690 18.18 27.40 3.82
CA GLY A 690 16.72 27.43 3.80
C GLY A 690 16.14 28.13 5.02
N ALA A 691 16.72 27.90 6.19
CA ALA A 691 16.28 28.62 7.39
C ALA A 691 16.55 30.11 7.25
N VAL A 692 17.68 30.47 6.64
CA VAL A 692 17.98 31.88 6.37
C VAL A 692 16.91 32.47 5.46
N GLY A 693 16.55 31.75 4.40
CA GLY A 693 15.53 32.25 3.50
C GLY A 693 14.16 32.36 4.16
N SER A 694 13.82 31.39 5.02
CA SER A 694 12.55 31.43 5.71
C SER A 694 12.45 32.62 6.66
N ILE A 695 13.50 32.86 7.45
CA ILE A 695 13.52 34.04 8.31
C ILE A 695 13.44 35.31 7.45
N LEU A 696 14.21 35.35 6.36
CA LEU A 696 14.33 36.57 5.57
C LEU A 696 13.02 36.93 4.89
N SER A 697 12.29 35.92 4.40
CA SER A 697 10.93 36.13 3.94
C SER A 697 10.00 36.43 5.11
N GLY A 698 10.37 36.00 6.32
CA GLY A 698 9.60 36.38 7.49
C GLY A 698 9.62 37.86 7.78
N PHE A 699 10.75 38.53 7.47
CA PHE A 699 10.81 39.98 7.66
C PHE A 699 9.77 40.72 6.82
N ILE A 700 9.58 40.31 5.56
CA ILE A 700 8.83 41.13 4.62
C ILE A 700 7.34 41.22 4.95
N GLY A 701 6.84 40.33 5.80
CA GLY A 701 5.44 40.33 6.18
C GLY A 701 4.96 41.66 6.74
N PRO A 702 5.45 42.03 7.93
CA PRO A 702 4.98 43.28 8.55
C PRO A 702 5.53 44.54 7.91
N THR A 703 6.53 44.44 7.02
CA THR A 703 7.05 45.63 6.35
C THR A 703 5.98 46.27 5.48
N PHE A 704 5.13 45.45 4.86
CA PHE A 704 4.02 45.99 4.07
C PHE A 704 3.11 46.85 4.93
N ALA A 705 2.77 46.35 6.13
CA ALA A 705 1.93 47.13 7.03
C ALA A 705 2.62 48.41 7.49
N ILE A 706 3.92 48.32 7.77
CA ILE A 706 4.68 49.50 8.20
C ILE A 706 4.63 50.57 7.10
N VAL A 707 4.92 50.17 5.87
CA VAL A 707 4.96 51.12 4.76
C VAL A 707 3.57 51.68 4.50
N MET A 708 2.53 50.86 4.60
CA MET A 708 1.17 51.34 4.39
C MET A 708 0.77 52.35 5.47
N SER A 709 1.14 52.09 6.72
CA SER A 709 0.85 53.03 7.79
C SER A 709 1.57 54.36 7.57
N ASN A 710 2.83 54.31 7.18
CA ASN A 710 3.54 55.55 6.86
C ASN A 710 2.91 56.27 5.69
N MET A 711 2.45 55.51 4.68
CA MET A 711 1.80 56.09 3.52
C MET A 711 0.53 56.82 3.91
N ILE A 712 -0.31 56.20 4.74
CA ILE A 712 -1.55 56.88 5.13
C ILE A 712 -1.26 58.07 6.04
N GLU A 713 -0.22 57.97 6.87
CA GLU A 713 0.17 59.10 7.70
C GLU A 713 0.57 60.30 6.84
N VAL A 714 1.37 60.06 5.80
CA VAL A 714 1.78 61.18 4.95
C VAL A 714 0.63 61.64 4.06
N PHE A 715 -0.31 60.74 3.74
CA PHE A 715 -1.49 61.16 3.00
C PHE A 715 -2.36 62.12 3.82
N TYR A 716 -2.53 61.83 5.11
CA TYR A 716 -3.38 62.69 5.93
C TYR A 716 -2.71 64.02 6.25
N TYR A 717 -1.38 64.05 6.29
CA TYR A 717 -0.67 65.33 6.33
C TYR A 717 -0.84 66.09 5.03
N THR A 718 -1.00 65.36 3.91
CA THR A 718 -1.29 65.86 2.57
C THR A 718 -0.07 66.53 1.95
N ASP A 719 0.94 66.80 2.78
CA ASP A 719 2.33 67.05 2.38
C ASP A 719 2.50 67.71 1.02
N TYR A 720 1.92 68.90 0.82
CA TYR A 720 2.05 69.53 -0.49
C TYR A 720 3.39 70.25 -0.61
N ASP A 721 4.48 69.58 -0.22
CA ASP A 721 5.82 70.09 -0.50
C ASP A 721 6.66 69.04 -1.22
N SER A 722 6.71 67.83 -0.68
CA SER A 722 7.59 66.79 -1.19
C SER A 722 6.93 65.41 -1.21
N MET A 723 5.60 65.35 -1.24
CA MET A 723 4.93 64.06 -1.32
C MET A 723 5.27 63.32 -2.61
N GLU A 724 5.62 64.04 -3.68
CA GLU A 724 6.16 63.38 -4.86
C GLU A 724 7.41 62.57 -4.50
N ARG A 725 8.35 63.19 -3.79
CA ARG A 725 9.56 62.50 -3.41
C ARG A 725 9.25 61.32 -2.49
N LYS A 726 8.34 61.53 -1.53
CA LYS A 726 7.98 60.45 -0.61
C LYS A 726 7.41 59.25 -1.38
N THR A 727 6.44 59.51 -2.27
CA THR A 727 5.80 58.42 -3.00
C THR A 727 6.77 57.71 -3.93
N LYS A 728 7.64 58.46 -4.61
CA LYS A 728 8.58 57.79 -5.52
C LYS A 728 9.59 56.96 -4.75
N GLU A 729 10.06 57.45 -3.60
CA GLU A 729 10.95 56.64 -2.78
C GLU A 729 10.24 55.38 -2.30
N TYR A 730 8.98 55.50 -1.89
CA TYR A 730 8.27 54.32 -1.36
C TYR A 730 7.92 53.33 -2.47
N VAL A 731 7.64 53.80 -3.69
CA VAL A 731 7.41 52.83 -4.76
C VAL A 731 8.72 52.15 -5.16
N PHE A 732 9.85 52.86 -5.06
CA PHE A 732 11.13 52.19 -5.22
C PHE A 732 11.32 51.11 -4.16
N ILE A 733 10.91 51.43 -2.92
CA ILE A 733 10.96 50.43 -1.85
C ILE A 733 10.10 49.23 -2.20
N TYR A 734 8.91 49.47 -2.76
CA TYR A 734 8.03 48.37 -3.14
C TYR A 734 8.65 47.49 -4.22
N ILE A 735 9.28 48.10 -5.23
CA ILE A 735 9.91 47.32 -6.29
C ILE A 735 11.03 46.47 -5.71
N GLY A 736 11.87 47.07 -4.88
CA GLY A 736 12.94 46.32 -4.24
C GLY A 736 12.41 45.18 -3.40
N ALA A 737 11.34 45.43 -2.65
CA ALA A 737 10.74 44.38 -1.83
C ALA A 737 10.18 43.26 -2.67
N GLY A 738 9.58 43.59 -3.82
CA GLY A 738 9.06 42.54 -4.69
C GLY A 738 10.14 41.63 -5.22
N LEU A 739 11.22 42.22 -5.74
CA LEU A 739 12.34 41.39 -6.22
C LEU A 739 12.94 40.58 -5.06
N TYR A 740 13.06 41.23 -3.90
CA TYR A 740 13.60 40.58 -2.71
C TYR A 740 12.76 39.37 -2.32
N ALA A 741 11.44 39.52 -2.34
CA ALA A 741 10.55 38.42 -2.00
C ALA A 741 10.66 37.28 -3.01
N VAL A 742 10.79 37.63 -4.30
CA VAL A 742 10.98 36.58 -5.31
C VAL A 742 12.22 35.76 -4.97
N GLY A 743 13.34 36.43 -4.70
CA GLY A 743 14.55 35.71 -4.40
C GLY A 743 14.43 34.85 -3.14
N ALA A 744 13.88 35.44 -2.07
CA ALA A 744 13.80 34.72 -0.80
C ALA A 744 12.89 33.51 -0.91
N TYR A 745 11.72 33.65 -1.54
CA TYR A 745 10.80 32.53 -1.67
C TYR A 745 11.41 31.42 -2.51
N LEU A 746 12.06 31.78 -3.63
CA LEU A 746 12.69 30.76 -4.46
C LEU A 746 13.74 29.98 -3.67
N ILE A 747 14.62 30.70 -2.97
CA ILE A 747 15.68 30.04 -2.22
C ILE A 747 15.10 29.11 -1.16
N GLN A 748 14.16 29.63 -0.35
CA GLN A 748 13.58 28.85 0.73
C GLN A 748 12.93 27.58 0.22
N HIS A 749 12.04 27.72 -0.78
CA HIS A 749 11.29 26.56 -1.25
C HIS A 749 12.22 25.53 -1.90
N TYR A 750 13.18 25.98 -2.72
CA TYR A 750 14.07 25.04 -3.37
C TYR A 750 14.89 24.26 -2.35
N PHE A 751 15.43 24.95 -1.34
CA PHE A 751 16.32 24.24 -0.42
C PHE A 751 15.55 23.33 0.53
N PHE A 752 14.36 23.74 0.96
CA PHE A 752 13.55 22.80 1.74
C PHE A 752 13.12 21.60 0.90
N SER A 753 12.81 21.80 -0.38
CA SER A 753 12.48 20.67 -1.24
C SER A 753 13.63 19.68 -1.27
N ILE A 754 14.85 20.16 -1.51
CA ILE A 754 15.97 19.23 -1.64
C ILE A 754 16.25 18.52 -0.32
N MET A 755 16.23 19.25 0.80
CA MET A 755 16.52 18.58 2.07
C MET A 755 15.44 17.54 2.40
N GLY A 756 14.17 17.87 2.12
CA GLY A 756 13.11 16.93 2.40
C GLY A 756 13.23 15.66 1.58
N GLU A 757 13.54 15.79 0.28
CA GLU A 757 13.68 14.59 -0.54
C GLU A 757 14.88 13.75 -0.10
N ASN A 758 16.01 14.38 0.23
CA ASN A 758 17.14 13.60 0.72
C ASN A 758 16.78 12.85 1.99
N LEU A 759 16.12 13.53 2.93
CA LEU A 759 15.73 12.88 4.19
C LEU A 759 14.77 11.72 3.93
N THR A 760 13.79 11.91 3.05
CA THR A 760 12.82 10.86 2.78
C THR A 760 13.48 9.64 2.15
N THR A 761 14.36 9.86 1.18
CA THR A 761 15.05 8.73 0.56
C THR A 761 15.91 7.98 1.57
N ARG A 762 16.65 8.72 2.41
CA ARG A 762 17.49 8.05 3.40
C ARG A 762 16.67 7.24 4.39
N VAL A 763 15.57 7.80 4.88
CA VAL A 763 14.77 7.08 5.86
C VAL A 763 14.09 5.87 5.24
N ARG A 764 13.67 5.98 3.97
CA ARG A 764 13.11 4.82 3.28
C ARG A 764 14.12 3.69 3.18
N ARG A 765 15.35 4.03 2.77
CA ARG A 765 16.38 3.01 2.63
C ARG A 765 16.68 2.34 3.96
N MET A 766 16.82 3.14 5.03
CA MET A 766 17.15 2.56 6.32
C MET A 766 16.00 1.71 6.86
N MET A 767 14.75 2.16 6.65
CA MET A 767 13.61 1.38 7.11
C MET A 767 13.54 0.04 6.41
N LEU A 768 13.75 0.03 5.08
CA LEU A 768 13.71 -1.25 4.36
C LEU A 768 14.84 -2.17 4.81
N SER A 769 16.04 -1.61 5.04
CA SER A 769 17.15 -2.43 5.53
C SER A 769 16.83 -3.02 6.89
N ALA A 770 16.26 -2.21 7.79
CA ALA A 770 15.92 -2.70 9.12
C ALA A 770 14.87 -3.80 9.06
N ILE A 771 13.86 -3.63 8.20
CA ILE A 771 12.85 -4.68 8.08
C ILE A 771 13.45 -5.96 7.54
N LEU A 772 14.29 -5.87 6.50
CA LEU A 772 14.94 -7.05 5.98
C LEU A 772 15.91 -7.69 6.99
N ARG A 773 16.36 -6.92 7.98
CA ARG A 773 17.27 -7.46 8.99
C ARG A 773 16.57 -8.38 9.98
N ASN A 774 15.27 -8.22 10.19
CA ASN A 774 14.55 -8.99 11.20
C ASN A 774 14.50 -10.47 10.84
N GLU A 775 14.28 -11.29 11.86
CA GLU A 775 14.17 -12.73 11.68
C GLU A 775 12.78 -13.10 11.17
N VAL A 776 12.61 -14.37 10.81
CA VAL A 776 11.34 -14.82 10.22
C VAL A 776 10.23 -14.81 11.25
N GLY A 777 10.54 -15.06 12.53
CA GLY A 777 9.51 -15.10 13.55
C GLY A 777 8.75 -13.80 13.67
N TRP A 778 9.45 -12.67 13.55
CA TRP A 778 8.79 -11.37 13.60
C TRP A 778 7.74 -11.24 12.50
N PHE A 779 7.96 -11.93 11.38
CA PHE A 779 6.96 -11.91 10.30
C PHE A 779 5.75 -12.78 10.66
N ASP A 780 5.96 -13.85 11.43
CA ASP A 780 4.88 -14.77 11.78
C ASP A 780 4.10 -14.20 12.96
N GLU A 781 3.27 -13.21 12.65
CA GLU A 781 2.40 -12.59 13.64
C GLU A 781 1.10 -12.19 12.94
N ASP A 782 0.23 -11.49 13.67
CA ASP A 782 -1.06 -11.08 13.13
C ASP A 782 -1.00 -9.74 12.41
N GLU A 783 -0.26 -8.78 12.95
CA GLU A 783 -0.17 -7.44 12.38
C GLU A 783 0.98 -7.29 11.41
N HIS A 784 1.88 -8.26 11.33
CA HIS A 784 3.04 -8.18 10.45
C HIS A 784 2.75 -8.97 9.18
N ASN A 785 1.95 -8.37 8.30
CA ASN A 785 1.58 -8.95 7.02
C ASN A 785 2.28 -8.20 5.90
N SER A 786 2.46 -8.90 4.77
CA SER A 786 3.17 -8.30 3.64
C SER A 786 2.44 -7.07 3.12
N SER A 787 1.13 -7.17 2.93
CA SER A 787 0.36 -6.01 2.49
C SER A 787 0.35 -4.92 3.55
N LEU A 788 0.25 -5.31 4.82
CA LEU A 788 0.27 -4.33 5.90
C LEU A 788 1.60 -3.58 5.92
N ILE A 789 2.71 -4.31 5.78
CA ILE A 789 4.02 -3.67 5.81
C ILE A 789 4.21 -2.77 4.59
N ALA A 790 3.76 -3.23 3.42
CA ALA A 790 3.88 -2.40 2.22
C ALA A 790 3.07 -1.12 2.35
N ALA A 791 1.85 -1.23 2.88
CA ALA A 791 1.02 -0.04 3.08
C ALA A 791 1.64 0.89 4.09
N ARG A 792 2.20 0.35 5.17
CA ARG A 792 2.83 1.18 6.19
C ARG A 792 4.03 1.92 5.62
N LEU A 793 4.86 1.24 4.83
CA LEU A 793 6.00 1.90 4.22
C LEU A 793 5.57 2.97 3.23
N ALA A 794 4.55 2.66 2.41
CA ALA A 794 4.08 3.63 1.43
C ALA A 794 3.46 4.85 2.10
N THR A 795 2.70 4.63 3.18
CA THR A 795 2.01 5.75 3.82
C THR A 795 2.96 6.60 4.66
N ASP A 796 3.80 5.94 5.46
CA ASP A 796 4.56 6.67 6.49
C ASP A 796 5.53 7.67 5.88
N ALA A 797 6.43 7.20 5.02
CA ALA A 797 7.46 8.08 4.46
C ALA A 797 6.84 9.31 3.81
N ALA A 798 5.74 9.11 3.07
CA ALA A 798 5.06 10.24 2.44
C ALA A 798 4.73 11.32 3.47
N ASP A 799 4.05 10.95 4.56
CA ASP A 799 3.77 11.95 5.58
C ASP A 799 5.05 12.48 6.19
N VAL A 800 6.03 11.60 6.39
CA VAL A 800 7.33 12.02 6.92
C VAL A 800 7.91 13.13 6.06
N LYS A 801 7.66 13.07 4.75
CA LYS A 801 8.03 14.20 3.90
C LYS A 801 7.12 15.39 4.16
N SER A 802 5.80 15.18 3.98
CA SER A 802 4.86 16.29 4.00
C SER A 802 4.86 16.99 5.36
N ALA A 803 5.11 16.25 6.43
CA ALA A 803 5.21 16.86 7.75
C ALA A 803 6.46 17.72 7.86
N ILE A 804 7.61 17.18 7.42
CA ILE A 804 8.87 17.90 7.62
C ILE A 804 8.94 19.11 6.69
N ALA A 805 8.52 18.94 5.43
CA ALA A 805 8.65 20.01 4.46
C ALA A 805 7.72 21.18 4.79
N GLU A 806 6.47 20.89 5.12
CA GLU A 806 5.48 21.95 5.28
C GLU A 806 5.56 22.61 6.65
N ARG A 807 5.65 21.81 7.72
CA ARG A 807 5.62 22.36 9.07
C ARG A 807 6.81 23.28 9.32
N ILE A 808 8.00 22.86 8.88
CA ILE A 808 9.21 23.65 9.15
C ILE A 808 9.12 25.01 8.46
N SER A 809 8.64 25.03 7.22
CA SER A 809 8.54 26.30 6.49
C SER A 809 7.61 27.28 7.20
N VAL A 810 6.37 26.85 7.46
CA VAL A 810 5.37 27.77 7.99
C VAL A 810 5.72 28.20 9.40
N ILE A 811 6.27 27.28 10.20
CA ILE A 811 6.59 27.61 11.59
C ILE A 811 7.65 28.71 11.64
N LEU A 812 8.74 28.52 10.90
CA LEU A 812 9.80 29.54 10.87
C LEU A 812 9.26 30.86 10.34
N GLN A 813 8.52 30.83 9.22
CA GLN A 813 8.00 32.07 8.65
C GLN A 813 7.10 32.81 9.64
N ASN A 814 6.19 32.07 10.29
CA ASN A 814 5.20 32.72 11.16
C ASN A 814 5.85 33.24 12.44
N MET A 815 6.73 32.47 13.07
CA MET A 815 7.41 32.98 14.25
C MET A 815 8.27 34.19 13.92
N THR A 816 8.97 34.16 12.78
CA THR A 816 9.78 35.32 12.41
C THR A 816 8.92 36.55 12.18
N SER A 817 7.79 36.40 11.47
CA SER A 817 6.92 37.54 11.22
C SER A 817 6.32 38.07 12.52
N LEU A 818 5.89 37.17 13.41
CA LEU A 818 5.32 37.60 14.67
C LEU A 818 6.36 38.33 15.53
N LEU A 819 7.58 37.82 15.57
CA LEU A 819 8.63 38.49 16.34
C LEU A 819 8.94 39.86 15.76
N THR A 820 9.00 39.97 14.43
CA THR A 820 9.27 41.27 13.82
C THR A 820 8.15 42.26 14.13
N SER A 821 6.89 41.81 14.04
CA SER A 821 5.77 42.70 14.35
C SER A 821 5.80 43.12 15.82
N PHE A 822 6.14 42.20 16.72
CA PHE A 822 6.21 42.55 18.14
C PHE A 822 7.32 43.55 18.41
N ILE A 823 8.47 43.40 17.74
CA ILE A 823 9.55 44.37 17.88
C ILE A 823 9.10 45.73 17.37
N VAL A 824 8.40 45.76 16.24
CA VAL A 824 7.89 47.02 15.70
C VAL A 824 6.92 47.66 16.68
N ALA A 825 6.06 46.85 17.31
CA ALA A 825 5.15 47.37 18.32
C ALA A 825 5.93 47.95 19.50
N PHE A 826 7.00 47.28 19.93
CA PHE A 826 7.87 47.83 20.97
C PHE A 826 8.43 49.19 20.56
N ILE A 827 8.80 49.35 19.28
CA ILE A 827 9.44 50.58 18.84
C ILE A 827 8.53 51.78 19.07
N VAL A 828 7.25 51.65 18.73
CA VAL A 828 6.35 52.79 18.81
C VAL A 828 5.66 52.91 20.17
N GLU A 829 5.44 51.79 20.87
CA GLU A 829 4.78 51.81 22.16
C GLU A 829 5.39 50.73 23.05
N TRP A 830 5.24 50.92 24.37
CA TRP A 830 5.76 49.94 25.31
C TRP A 830 4.67 49.33 26.19
N ARG A 831 3.82 50.16 26.80
CA ARG A 831 2.76 49.63 27.66
C ARG A 831 1.76 48.81 26.86
N VAL A 832 1.35 49.31 25.68
CA VAL A 832 0.37 48.61 24.87
C VAL A 832 0.93 47.29 24.37
N SER A 833 2.19 47.29 23.93
CA SER A 833 2.79 46.08 23.37
C SER A 833 3.02 45.02 24.44
N LEU A 834 3.29 45.43 25.68
CA LEU A 834 3.37 44.47 26.78
C LEU A 834 2.04 43.74 26.95
N LEU A 835 0.93 44.47 26.77
CA LEU A 835 -0.38 43.85 26.86
C LEU A 835 -0.58 42.80 25.77
N ILE A 836 -0.17 43.11 24.53
CA ILE A 836 -0.36 42.15 23.45
C ILE A 836 0.55 40.94 23.63
N LEU A 837 1.76 41.15 24.16
CA LEU A 837 2.59 39.99 24.48
C LEU A 837 2.10 39.25 25.71
N GLY A 838 1.19 39.85 26.48
CA GLY A 838 0.52 39.15 27.55
C GLY A 838 -0.65 38.30 27.11
N THR A 839 -0.96 38.30 25.81
CA THR A 839 -2.08 37.54 25.27
C THR A 839 -1.63 36.27 24.54
N PHE A 840 -0.35 36.19 24.17
CA PHE A 840 0.17 35.01 23.49
C PHE A 840 -0.12 33.68 24.21
N PRO A 841 -0.05 33.59 25.55
CA PRO A 841 -0.39 32.30 26.21
C PRO A 841 -1.75 31.76 25.84
N LEU A 842 -2.77 32.63 25.71
CA LEU A 842 -4.10 32.17 25.33
C LEU A 842 -4.09 31.48 23.97
N LEU A 843 -3.49 32.14 22.97
CA LEU A 843 -3.47 31.58 21.62
C LEU A 843 -2.64 30.29 21.57
N VAL A 844 -1.50 30.27 22.25
CA VAL A 844 -0.65 29.08 22.19
C VAL A 844 -1.33 27.91 22.91
N LEU A 845 -2.08 28.21 23.99
CA LEU A 845 -2.81 27.15 24.68
C LEU A 845 -3.95 26.63 23.83
N ALA A 846 -4.63 27.52 23.10
CA ALA A 846 -5.69 27.07 22.19
C ALA A 846 -5.12 26.17 21.10
N ASN A 847 -3.98 26.55 20.53
CA ASN A 847 -3.34 25.72 19.51
C ASN A 847 -2.87 24.39 20.09
N PHE A 848 -2.38 24.40 21.33
CA PHE A 848 -1.99 23.15 21.98
C PHE A 848 -3.18 22.24 22.20
N ALA A 849 -4.32 22.82 22.60
CA ALA A 849 -5.53 22.02 22.75
C ALA A 849 -5.95 21.41 21.42
N GLN A 850 -5.88 22.21 20.34
CA GLN A 850 -6.15 21.69 19.01
C GLN A 850 -5.24 20.50 18.68
N GLN A 851 -3.95 20.67 18.91
CA GLN A 851 -2.96 19.66 18.55
C GLN A 851 -3.15 18.39 19.38
N LEU A 852 -3.54 18.55 20.64
CA LEU A 852 -3.77 17.40 21.51
C LEU A 852 -5.02 16.63 21.11
N SER A 853 -6.11 17.35 20.86
CA SER A 853 -7.41 16.70 20.68
C SER A 853 -7.43 15.81 19.44
N LEU A 854 -6.88 16.29 18.32
CA LEU A 854 -6.97 15.54 17.08
C LEU A 854 -6.05 14.33 17.08
N LYS A 855 -4.94 14.40 17.81
CA LYS A 855 -3.92 13.36 17.76
C LYS A 855 -4.44 12.02 18.26
N GLY A 856 -5.23 12.05 19.34
CA GLY A 856 -5.64 10.80 19.98
C GLY A 856 -6.46 9.90 19.07
N PHE A 857 -7.41 10.48 18.35
CA PHE A 857 -8.30 9.66 17.52
C PHE A 857 -7.73 9.42 16.14
N ALA A 858 -6.67 10.16 15.76
CA ALA A 858 -6.06 9.97 14.45
C ALA A 858 -5.31 8.64 14.39
N GLY A 859 -4.72 8.22 15.51
CA GLY A 859 -3.98 6.97 15.52
C GLY A 859 -4.85 5.75 15.28
N ASP A 860 -6.07 5.79 15.80
CA ASP A 860 -6.97 4.65 15.66
C ASP A 860 -7.35 4.43 14.20
N THR A 861 -7.57 5.51 13.46
CA THR A 861 -8.02 5.37 12.06
C THR A 861 -6.91 4.82 11.17
N ALA A 862 -5.65 5.10 11.49
CA ALA A 862 -4.54 4.63 10.66
C ALA A 862 -4.49 3.11 10.64
N LYS A 863 -4.66 2.48 11.80
CA LYS A 863 -4.66 1.02 11.87
C LYS A 863 -5.83 0.44 11.08
N ALA A 864 -6.99 1.07 11.17
CA ALA A 864 -8.15 0.59 10.43
C ALA A 864 -7.91 0.67 8.93
N HIS A 865 -7.35 1.80 8.45
CA HIS A 865 -7.08 1.93 7.03
C HIS A 865 -6.05 0.92 6.57
N ALA A 866 -5.02 0.67 7.39
CA ALA A 866 -4.05 -0.36 7.05
C ALA A 866 -4.71 -1.73 6.96
N LYS A 867 -5.63 -2.02 7.88
CA LYS A 867 -6.33 -3.30 7.84
C LYS A 867 -7.17 -3.45 6.58
N THR A 868 -7.87 -2.38 6.18
CA THR A 868 -8.64 -2.44 4.95
C THR A 868 -7.73 -2.66 3.74
N SER A 869 -6.58 -1.98 3.71
CA SER A 869 -5.65 -2.19 2.61
C SER A 869 -5.16 -3.63 2.58
N MET A 870 -4.88 -4.20 3.76
CA MET A 870 -4.44 -5.59 3.83
C MET A 870 -5.52 -6.53 3.31
N ILE A 871 -6.78 -6.27 3.68
CA ILE A 871 -7.88 -7.12 3.22
C ILE A 871 -8.00 -7.05 1.70
N ALA A 872 -7.90 -5.84 1.13
CA ALA A 872 -7.99 -5.71 -0.31
C ALA A 872 -6.84 -6.45 -1.01
N GLY A 873 -5.63 -6.31 -0.48
CA GLY A 873 -4.50 -7.01 -1.08
C GLY A 873 -4.63 -8.51 -1.00
N GLU A 874 -5.08 -9.02 0.14
CA GLU A 874 -5.30 -10.45 0.29
C GLU A 874 -6.37 -10.95 -0.67
N GLY A 875 -7.44 -10.18 -0.84
CA GLY A 875 -8.48 -10.57 -1.80
C GLY A 875 -7.96 -10.61 -3.22
N VAL A 876 -7.18 -9.61 -3.62
CA VAL A 876 -6.67 -9.55 -4.98
C VAL A 876 -5.67 -10.68 -5.24
N SER A 877 -4.84 -11.00 -4.23
CA SER A 877 -3.77 -11.97 -4.44
C SER A 877 -4.28 -13.37 -4.75
N ASN A 878 -5.51 -13.71 -4.36
CA ASN A 878 -6.04 -15.05 -4.56
C ASN A 878 -7.30 -15.03 -5.43
N ILE A 879 -7.25 -14.31 -6.55
CA ILE A 879 -8.44 -14.13 -7.38
C ILE A 879 -8.95 -15.46 -7.91
N ARG A 880 -8.08 -16.45 -8.06
CA ARG A 880 -8.53 -17.75 -8.55
C ARG A 880 -9.50 -18.41 -7.58
N THR A 881 -9.21 -18.34 -6.29
CA THR A 881 -10.11 -18.91 -5.29
C THR A 881 -11.36 -18.06 -5.12
N VAL A 882 -11.22 -16.73 -5.23
CA VAL A 882 -12.37 -15.85 -5.08
C VAL A 882 -13.37 -16.08 -6.21
N ALA A 883 -12.88 -16.23 -7.44
CA ALA A 883 -13.78 -16.44 -8.56
C ALA A 883 -14.50 -17.79 -8.46
N ALA A 884 -13.76 -18.84 -8.10
CA ALA A 884 -14.36 -20.17 -8.00
C ALA A 884 -15.42 -20.22 -6.91
N PHE A 885 -15.01 -20.02 -5.67
CA PHE A 885 -15.94 -19.94 -4.55
C PHE A 885 -16.41 -18.50 -4.44
N ASN A 886 -17.64 -18.24 -4.87
CA ASN A 886 -18.16 -16.87 -4.90
C ASN A 886 -18.12 -16.24 -3.52
N ALA A 887 -17.23 -15.27 -3.31
CA ALA A 887 -17.02 -14.72 -1.99
C ALA A 887 -16.82 -13.20 -2.00
N GLN A 888 -17.28 -12.51 -3.04
CA GLN A 888 -17.16 -11.05 -3.06
C GLN A 888 -18.00 -10.42 -1.96
N SER A 889 -19.14 -11.02 -1.62
CA SER A 889 -19.98 -10.48 -0.57
C SER A 889 -19.27 -10.50 0.77
N LYS A 890 -18.53 -11.56 1.08
CA LYS A 890 -17.80 -11.63 2.33
C LYS A 890 -16.73 -10.55 2.40
N ILE A 891 -16.01 -10.34 1.29
CA ILE A 891 -14.96 -9.31 1.27
C ILE A 891 -15.57 -7.93 1.47
N LEU A 892 -16.68 -7.65 0.79
CA LEU A 892 -17.34 -6.36 0.97
C LEU A 892 -17.85 -6.18 2.39
N SER A 893 -18.39 -7.24 2.98
CA SER A 893 -18.86 -7.15 4.37
C SER A 893 -17.71 -6.86 5.32
N LEU A 894 -16.57 -7.53 5.14
CA LEU A 894 -15.42 -7.25 5.99
C LEU A 894 -14.94 -5.82 5.80
N PHE A 895 -14.91 -5.34 4.55
CA PHE A 895 -14.50 -3.97 4.28
C PHE A 895 -15.39 -2.96 4.99
N CYS A 896 -16.72 -3.16 4.88
CA CYS A 896 -17.66 -2.25 5.53
C CYS A 896 -17.53 -2.30 7.04
N HIS A 897 -17.36 -3.50 7.60
CA HIS A 897 -17.22 -3.63 9.05
C HIS A 897 -15.96 -2.93 9.54
N GLU A 898 -14.88 -3.03 8.78
CA GLU A 898 -13.64 -2.34 9.17
C GLU A 898 -13.78 -0.83 9.03
N LEU A 899 -14.52 -0.37 8.02
CA LEU A 899 -14.61 1.07 7.75
C LEU A 899 -15.72 1.76 8.52
N ARG A 900 -16.57 1.02 9.24
CA ARG A 900 -17.69 1.65 9.94
C ARG A 900 -17.22 2.64 11.00
N VAL A 901 -16.26 2.24 11.83
CA VAL A 901 -15.86 3.07 12.97
C VAL A 901 -15.28 4.41 12.54
N PRO A 902 -14.37 4.50 11.55
CA PRO A 902 -13.78 5.81 11.23
C PRO A 902 -14.78 6.88 10.88
N GLN A 903 -15.94 6.55 10.29
CA GLN A 903 -16.94 7.58 10.01
C GLN A 903 -17.48 8.18 11.29
N LYS A 904 -17.83 7.33 12.26
CA LYS A 904 -18.34 7.82 13.54
C LYS A 904 -17.30 8.64 14.26
N ARG A 905 -16.03 8.21 14.24
CA ARG A 905 -14.99 9.00 14.88
C ARG A 905 -14.77 10.31 14.15
N SER A 906 -14.85 10.31 12.82
CA SER A 906 -14.59 11.50 12.04
C SER A 906 -15.65 12.56 12.23
N LEU A 907 -16.90 12.15 12.47
CA LEU A 907 -17.94 13.15 12.76
C LEU A 907 -17.56 14.01 13.96
N TYR A 908 -17.23 13.36 15.08
CA TYR A 908 -16.86 14.09 16.28
C TYR A 908 -15.54 14.82 16.10
N ARG A 909 -14.59 14.23 15.36
CA ARG A 909 -13.33 14.91 15.09
C ARG A 909 -13.57 16.22 14.36
N SER A 910 -14.41 16.19 13.32
CA SER A 910 -14.69 17.41 12.56
C SER A 910 -15.40 18.45 13.43
N GLN A 911 -16.38 18.01 14.22
CA GLN A 911 -17.09 18.96 15.08
C GLN A 911 -16.14 19.62 16.08
N THR A 912 -15.29 18.83 16.72
CA THR A 912 -14.35 19.39 17.68
C THR A 912 -13.35 20.32 17.01
N SER A 913 -12.85 19.95 15.83
CA SER A 913 -11.90 20.82 15.14
C SER A 913 -12.54 22.14 14.77
N GLY A 914 -13.78 22.11 14.27
CA GLY A 914 -14.46 23.35 13.94
C GLY A 914 -14.70 24.22 15.15
N PHE A 915 -15.14 23.62 16.26
CA PHE A 915 -15.36 24.41 17.47
C PHE A 915 -14.07 25.04 17.98
N LEU A 916 -12.97 24.27 17.98
CA LEU A 916 -11.70 24.81 18.44
C LEU A 916 -11.21 25.93 17.53
N PHE A 917 -11.38 25.77 16.21
CA PHE A 917 -10.97 26.83 15.29
C PHE A 917 -11.78 28.10 15.52
N GLY A 918 -13.09 27.96 15.73
CA GLY A 918 -13.91 29.12 16.03
C GLY A 918 -13.49 29.81 17.32
N LEU A 919 -13.22 29.02 18.37
CA LEU A 919 -12.78 29.60 19.63
C LEU A 919 -11.45 30.32 19.47
N SER A 920 -10.52 29.73 18.72
CA SER A 920 -9.23 30.37 18.51
C SER A 920 -9.39 31.70 17.76
N GLN A 921 -10.24 31.72 16.73
CA GLN A 921 -10.46 32.97 16.00
C GLN A 921 -11.08 34.03 16.90
N LEU A 922 -12.07 33.64 17.72
CA LEU A 922 -12.70 34.59 18.61
C LEU A 922 -11.71 35.14 19.63
N ALA A 923 -10.86 34.27 20.17
CA ALA A 923 -9.85 34.74 21.12
C ALA A 923 -8.85 35.67 20.45
N LEU A 924 -8.49 35.38 19.20
CA LEU A 924 -7.55 36.23 18.48
C LEU A 924 -8.13 37.61 18.23
N TYR A 925 -9.40 37.67 17.82
CA TYR A 925 -10.02 38.98 17.56
C TYR A 925 -10.29 39.73 18.85
N GLY A 926 -10.72 39.03 19.90
CA GLY A 926 -11.01 39.71 21.15
C GLY A 926 -9.79 40.38 21.76
N SER A 927 -8.60 39.87 21.43
CA SER A 927 -7.37 40.47 21.94
C SER A 927 -7.16 41.87 21.35
N GLU A 928 -7.39 42.02 20.05
CA GLU A 928 -7.12 43.30 19.41
C GLU A 928 -8.09 44.38 19.88
N ALA A 929 -9.34 43.99 20.14
CA ALA A 929 -10.31 44.96 20.66
C ALA A 929 -9.86 45.50 22.01
N LEU A 930 -9.35 44.62 22.88
CA LEU A 930 -8.83 45.08 24.17
C LEU A 930 -7.63 46.00 23.98
N ILE A 931 -6.78 45.71 23.00
CA ILE A 931 -5.64 46.58 22.71
C ILE A 931 -6.12 47.98 22.32
N LEU A 932 -7.11 48.03 21.43
CA LEU A 932 -7.63 49.33 20.99
C LEU A 932 -8.30 50.07 22.14
N TRP A 933 -9.04 49.35 23.00
CA TRP A 933 -9.68 50.01 24.13
C TRP A 933 -8.66 50.56 25.11
N TYR A 934 -7.59 49.79 25.38
CA TYR A 934 -6.55 50.28 26.27
C TYR A 934 -5.84 51.49 25.68
N GLY A 935 -5.57 51.46 24.38
CA GLY A 935 -4.97 52.62 23.72
C GLY A 935 -5.88 53.84 23.79
N ALA A 936 -7.18 53.63 23.63
CA ALA A 936 -8.13 54.73 23.75
C ALA A 936 -8.11 55.32 25.15
N HIS A 937 -8.10 54.45 26.17
CA HIS A 937 -8.06 54.94 27.54
C HIS A 937 -6.78 55.72 27.81
N LEU A 938 -5.65 55.25 27.26
CA LEU A 938 -4.41 56.00 27.37
C LEU A 938 -4.50 57.35 26.68
N VAL A 939 -5.15 57.40 25.52
CA VAL A 939 -5.34 58.67 24.82
C VAL A 939 -6.15 59.62 25.67
N SER A 940 -7.21 59.13 26.33
CA SER A 940 -8.01 59.97 27.21
C SER A 940 -7.18 60.52 28.36
N LYS A 941 -6.19 59.76 28.83
CA LYS A 941 -5.36 60.21 29.93
C LYS A 941 -4.23 61.15 29.49
N GLY A 942 -3.95 61.22 28.19
CA GLY A 942 -2.81 62.00 27.75
C GLY A 942 -1.96 61.35 26.68
N VAL A 943 -0.71 61.02 27.02
CA VAL A 943 0.33 60.61 26.07
C VAL A 943 -0.07 59.33 25.35
N SER A 944 0.69 58.99 24.29
CA SER A 944 0.37 57.88 23.39
C SER A 944 -0.96 58.14 22.67
N THR A 945 -0.96 59.19 21.87
CA THR A 945 -2.17 59.75 21.28
C THR A 945 -2.64 58.92 20.08
N PHE A 946 -3.54 59.51 19.30
CA PHE A 946 -4.22 58.87 18.18
C PHE A 946 -3.29 58.09 17.26
N SER A 947 -2.18 58.71 16.85
CA SER A 947 -1.36 58.13 15.79
C SER A 947 -0.72 56.82 16.23
N LYS A 948 -0.13 56.79 17.42
CA LYS A 948 0.67 55.64 17.83
C LYS A 948 -0.19 54.38 18.00
N VAL A 949 -1.36 54.54 18.62
CA VAL A 949 -2.17 53.36 18.95
C VAL A 949 -2.76 52.72 17.69
N ILE A 950 -3.23 53.54 16.76
CA ILE A 950 -3.89 53.00 15.57
C ILE A 950 -2.87 52.35 14.63
N LYS A 951 -1.65 52.90 14.57
CA LYS A 951 -0.59 52.23 13.81
C LYS A 951 -0.32 50.84 14.37
N VAL A 952 -0.26 50.73 15.69
CA VAL A 952 -0.11 49.42 16.33
C VAL A 952 -1.28 48.52 15.97
N PHE A 953 -2.50 49.05 16.02
CA PHE A 953 -3.67 48.24 15.70
C PHE A 953 -3.60 47.69 14.28
N VAL A 954 -3.22 48.54 13.33
CA VAL A 954 -3.13 48.12 11.94
C VAL A 954 -2.04 47.07 11.75
N VAL A 955 -0.87 47.29 12.36
CA VAL A 955 0.23 46.35 12.20
C VAL A 955 -0.15 44.98 12.77
N LEU A 956 -0.75 44.98 13.97
CA LEU A 956 -1.22 43.73 14.55
C LEU A 956 -2.29 43.05 13.70
N VAL A 957 -3.20 43.83 13.12
CA VAL A 957 -4.24 43.23 12.27
C VAL A 957 -3.60 42.53 11.08
N ILE A 958 -2.67 43.21 10.40
CA ILE A 958 -2.03 42.64 9.22
C ILE A 958 -1.23 41.39 9.60
N THR A 959 -0.45 41.47 10.67
CA THR A 959 0.37 40.33 11.07
C THR A 959 -0.48 39.15 11.49
N ALA A 960 -1.56 39.39 12.25
CA ALA A 960 -2.44 38.30 12.65
C ALA A 960 -3.09 37.64 11.45
N ASN A 961 -3.52 38.45 10.48
CA ASN A 961 -4.10 37.88 9.27
C ASN A 961 -3.07 37.04 8.51
N SER A 962 -1.82 37.51 8.46
CA SER A 962 -0.77 36.75 7.78
C SER A 962 -0.49 35.42 8.47
N VAL A 963 -0.45 35.43 9.81
CA VAL A 963 -0.10 34.22 10.56
C VAL A 963 -1.29 33.28 10.74
N ALA A 964 -2.52 33.74 10.49
CA ALA A 964 -3.69 32.91 10.68
C ALA A 964 -3.81 31.85 9.57
N GLU A 965 -2.76 31.05 9.46
CA GLU A 965 -2.74 29.87 8.61
C GLU A 965 -2.16 28.63 9.27
N THR A 966 -1.34 28.77 10.31
CA THR A 966 -0.76 27.60 10.98
C THR A 966 -1.84 26.76 11.64
N VAL A 967 -2.84 27.42 12.24
CA VAL A 967 -3.93 26.68 12.88
C VAL A 967 -4.70 25.85 11.84
N SER A 968 -4.95 26.44 10.67
CA SER A 968 -5.62 25.71 9.60
C SER A 968 -4.75 24.58 9.07
N LEU A 969 -3.44 24.80 9.01
CA LEU A 969 -2.51 23.78 8.52
C LEU A 969 -2.15 22.75 9.57
N ALA A 970 -2.53 22.97 10.82
CA ALA A 970 -2.16 22.03 11.90
C ALA A 970 -2.70 20.62 11.71
N PRO A 971 -3.97 20.40 11.36
CA PRO A 971 -4.49 19.02 11.35
C PRO A 971 -3.76 18.09 10.40
N GLU A 972 -3.67 18.44 9.11
CA GLU A 972 -3.06 17.54 8.14
C GLU A 972 -1.58 17.32 8.41
N ILE A 973 -0.92 18.28 9.07
CA ILE A 973 0.46 18.05 9.49
C ILE A 973 0.51 17.14 10.70
N ILE A 974 -0.38 17.34 11.67
CA ILE A 974 -0.29 16.61 12.93
C ILE A 974 -0.74 15.16 12.81
N ARG A 975 -1.43 14.80 11.72
CA ARG A 975 -1.81 13.41 11.54
C ARG A 975 -0.61 12.51 11.28
N GLY A 976 0.53 13.08 10.90
CA GLY A 976 1.75 12.33 10.72
C GLY A 976 2.59 12.16 11.97
N GLY A 977 2.12 12.66 13.11
CA GLY A 977 2.87 12.48 14.34
C GLY A 977 3.00 11.04 14.75
N GLU A 978 1.90 10.28 14.65
CA GLU A 978 1.96 8.86 14.94
C GLU A 978 2.68 8.09 13.85
N ALA A 979 2.72 8.63 12.62
CA ALA A 979 3.49 8.00 11.56
C ALA A 979 4.98 7.99 11.88
N VAL A 980 5.49 9.09 12.42
CA VAL A 980 6.90 9.16 12.79
C VAL A 980 7.21 8.15 13.89
N GLY A 981 6.32 8.04 14.87
CA GLY A 981 6.53 7.06 15.94
C GLY A 981 6.58 5.64 15.42
N SER A 982 5.80 5.34 14.38
CA SER A 982 5.86 4.02 13.77
C SER A 982 7.19 3.80 13.06
N VAL A 983 7.73 4.85 12.44
CA VAL A 983 9.01 4.73 11.73
C VAL A 983 10.13 4.39 12.71
N PHE A 984 10.18 5.09 13.83
CA PHE A 984 11.25 4.86 14.80
C PHE A 984 11.07 3.55 15.54
N SER A 985 9.83 3.08 15.69
CA SER A 985 9.60 1.79 16.33
C SER A 985 10.20 0.66 15.52
N VAL A 986 10.09 0.72 14.19
CA VAL A 986 10.69 -0.31 13.34
C VAL A 986 12.21 -0.26 13.45
N LEU A 987 12.78 0.95 13.43
CA LEU A 987 14.23 1.08 13.50
C LEU A 987 14.77 0.70 14.87
N ASP A 988 14.00 0.93 15.92
CA ASP A 988 14.47 0.67 17.28
C ASP A 988 14.61 -0.84 17.54
N ARG A 989 13.67 -1.63 17.03
CA ARG A 989 13.63 -3.05 17.34
C ARG A 989 14.94 -3.74 16.95
N GLN A 990 15.45 -4.56 17.86
CA GLN A 990 16.69 -5.30 17.65
C GLN A 990 16.36 -6.75 17.38
N THR A 991 16.86 -7.26 16.25
CA THR A 991 16.56 -8.63 15.85
C THR A 991 17.21 -9.63 16.80
N ARG A 992 16.51 -10.74 17.05
CA ARG A 992 17.06 -11.82 17.85
C ARG A 992 18.09 -12.62 17.07
N ILE A 993 17.96 -12.66 15.74
CA ILE A 993 18.88 -13.37 14.88
C ILE A 993 19.70 -12.32 14.12
N ASP A 994 20.92 -12.10 14.56
CA ASP A 994 21.79 -11.11 13.91
C ASP A 994 22.33 -11.70 12.62
N PRO A 995 22.05 -11.10 11.46
CA PRO A 995 22.45 -11.74 10.20
C PRO A 995 23.95 -11.96 10.06
N ASP A 996 24.78 -11.02 10.50
CA ASP A 996 26.22 -11.15 10.30
C ASP A 996 27.00 -10.95 11.58
N ASP A 997 26.57 -10.01 12.41
CA ASP A 997 27.21 -9.64 13.67
C ASP A 997 28.57 -8.98 13.45
N ALA A 998 29.02 -8.95 12.19
CA ALA A 998 30.17 -8.19 11.74
C ALA A 998 31.50 -8.68 12.33
N ASP A 999 31.45 -9.61 13.27
CA ASP A 999 32.67 -10.16 13.85
C ASP A 999 32.57 -11.65 14.15
N ALA A 1000 31.50 -12.33 13.74
CA ALA A 1000 31.19 -13.67 14.23
C ALA A 1000 31.81 -14.71 13.30
N ASP A 1001 33.11 -14.97 13.50
CA ASP A 1001 33.86 -16.08 12.92
C ASP A 1001 33.61 -16.24 11.42
N PRO A 1002 34.18 -15.38 10.58
CA PRO A 1002 33.98 -15.53 9.13
C PRO A 1002 34.73 -16.73 8.57
N VAL A 1003 34.15 -17.92 8.73
CA VAL A 1003 34.77 -19.17 8.30
C VAL A 1003 34.03 -19.68 7.07
N GLU A 1004 34.80 -20.00 6.02
CA GLU A 1004 34.24 -20.46 4.75
C GLU A 1004 34.53 -21.92 4.46
N THR A 1005 35.44 -22.56 5.19
CA THR A 1005 35.79 -23.96 4.96
C THR A 1005 34.77 -24.85 5.66
N ILE A 1006 33.68 -25.11 4.96
CA ILE A 1006 32.61 -25.94 5.49
C ILE A 1006 32.95 -27.41 5.31
N ARG A 1007 32.59 -28.23 6.29
CA ARG A 1007 32.80 -29.67 6.24
C ARG A 1007 31.57 -30.41 5.72
N GLY A 1008 30.43 -30.24 6.39
CA GLY A 1008 29.20 -30.90 6.01
C GLY A 1008 28.70 -31.97 6.94
N ASP A 1009 29.31 -32.14 8.11
CA ASP A 1009 28.89 -33.17 9.06
C ASP A 1009 27.95 -32.55 10.11
N ILE A 1010 26.68 -32.47 9.71
CA ILE A 1010 25.67 -31.86 10.58
C ILE A 1010 25.32 -32.80 11.71
N GLU A 1011 25.00 -32.25 12.88
CA GLU A 1011 24.56 -33.05 14.00
C GLU A 1011 23.60 -32.25 14.87
N PHE A 1012 22.68 -32.97 15.52
CA PHE A 1012 21.75 -32.40 16.47
C PHE A 1012 22.02 -32.99 17.84
N ARG A 1013 21.74 -32.20 18.89
CA ARG A 1013 21.99 -32.65 20.26
C ARG A 1013 20.90 -32.10 21.16
N HIS A 1014 19.92 -32.94 21.49
CA HIS A 1014 18.89 -32.62 22.48
C HIS A 1014 18.15 -31.34 22.12
N VAL A 1015 17.75 -31.22 20.85
CA VAL A 1015 17.07 -30.04 20.38
C VAL A 1015 15.59 -30.13 20.75
N ASP A 1016 15.11 -29.16 21.52
CA ASP A 1016 13.70 -29.02 21.85
C ASP A 1016 13.20 -27.71 21.26
N PHE A 1017 12.12 -27.79 20.48
CA PHE A 1017 11.63 -26.62 19.76
C PHE A 1017 10.11 -26.55 19.83
N ALA A 1018 9.62 -25.31 19.85
CA ALA A 1018 8.19 -25.03 19.75
C ALA A 1018 8.04 -23.73 18.97
N TYR A 1019 7.12 -23.73 18.00
CA TYR A 1019 6.95 -22.57 17.15
C TYR A 1019 6.43 -21.39 17.98
N PRO A 1020 6.96 -20.19 17.76
CA PRO A 1020 6.50 -19.03 18.54
C PRO A 1020 5.02 -18.72 18.38
N SER A 1021 4.43 -19.05 17.23
CA SER A 1021 3.02 -18.76 17.02
C SER A 1021 2.13 -19.52 17.99
N ARG A 1022 2.41 -20.81 18.19
CA ARG A 1022 1.67 -21.64 19.13
C ARG A 1022 2.66 -22.36 20.04
N PRO A 1023 3.21 -21.66 21.03
CA PRO A 1023 4.26 -22.24 21.89
C PRO A 1023 3.73 -23.19 22.95
N ASP A 1024 2.82 -24.07 22.55
CA ASP A 1024 2.25 -25.06 23.47
C ASP A 1024 2.07 -26.41 22.80
N VAL A 1025 2.88 -26.72 21.79
CA VAL A 1025 2.71 -27.97 21.05
C VAL A 1025 3.94 -28.85 21.17
N MET A 1026 5.11 -28.24 21.33
CA MET A 1026 6.37 -28.96 21.47
C MET A 1026 6.57 -29.94 20.32
N VAL A 1027 6.75 -29.37 19.13
CA VAL A 1027 6.90 -30.18 17.91
C VAL A 1027 8.11 -31.09 17.98
N PHE A 1028 9.12 -30.76 18.77
CA PHE A 1028 10.32 -31.57 18.90
C PHE A 1028 10.55 -31.95 20.36
N ARG A 1029 10.87 -33.22 20.59
CA ARG A 1029 11.21 -33.76 21.88
C ARG A 1029 12.73 -33.90 21.95
N ASP A 1030 13.24 -34.51 23.03
CA ASP A 1030 14.67 -34.70 23.18
C ASP A 1030 15.18 -35.74 22.18
N PHE A 1031 15.65 -35.27 21.02
CA PHE A 1031 16.07 -36.15 19.94
C PHE A 1031 17.37 -35.66 19.33
N ASN A 1032 18.10 -36.57 18.72
CA ASN A 1032 19.37 -36.26 18.08
C ASN A 1032 19.54 -37.08 16.81
N LEU A 1033 20.11 -36.46 15.78
CA LEU A 1033 20.38 -37.12 14.52
C LEU A 1033 21.65 -36.51 13.91
N ARG A 1034 22.45 -37.35 13.26
CA ARG A 1034 23.70 -36.92 12.67
C ARG A 1034 23.73 -37.29 11.19
N ILE A 1035 24.21 -36.37 10.37
CA ILE A 1035 24.37 -36.56 8.93
C ILE A 1035 25.85 -36.32 8.64
N ARG A 1036 26.59 -37.40 8.43
CA ARG A 1036 28.00 -37.28 8.07
C ARG A 1036 28.13 -36.77 6.65
N ALA A 1037 29.16 -35.96 6.40
CA ALA A 1037 29.40 -35.43 5.06
C ALA A 1037 29.59 -36.56 4.06
N GLY A 1038 28.96 -36.43 2.90
CA GLY A 1038 28.99 -37.47 1.89
C GLY A 1038 27.88 -38.49 1.99
N HIS A 1039 26.84 -38.23 2.78
CA HIS A 1039 25.72 -39.13 2.94
C HIS A 1039 24.42 -38.38 2.62
N SER A 1040 23.29 -39.02 2.89
CA SER A 1040 22.00 -38.44 2.54
C SER A 1040 20.96 -38.84 3.58
N GLN A 1041 19.85 -38.11 3.59
CA GLN A 1041 18.73 -38.36 4.47
C GLN A 1041 17.49 -38.67 3.63
N ALA A 1042 16.58 -39.45 4.21
CA ALA A 1042 15.27 -39.68 3.60
C ALA A 1042 14.15 -39.05 4.39
N LEU A 1043 14.12 -39.25 5.71
CA LEU A 1043 13.20 -38.55 6.62
C LEU A 1043 11.75 -38.76 6.21
N VAL A 1044 11.31 -40.02 6.24
CA VAL A 1044 9.92 -40.32 5.94
C VAL A 1044 9.03 -39.79 7.07
N GLY A 1045 8.04 -38.98 6.70
CA GLY A 1045 7.29 -38.17 7.63
C GLY A 1045 5.79 -38.39 7.62
N ALA A 1046 5.38 -39.67 7.60
CA ALA A 1046 4.01 -40.09 7.34
C ALA A 1046 2.95 -39.13 7.86
N SER A 1047 3.01 -38.80 9.14
CA SER A 1047 2.20 -37.73 9.71
C SER A 1047 3.08 -36.51 9.90
N GLY A 1048 2.59 -35.36 9.47
CA GLY A 1048 3.42 -34.17 9.50
C GLY A 1048 3.90 -33.83 10.89
N SER A 1049 5.16 -34.15 11.18
CA SER A 1049 5.76 -33.82 12.48
C SER A 1049 6.98 -32.91 12.33
N GLY A 1050 8.00 -33.33 11.58
CA GLY A 1050 9.22 -32.56 11.48
C GLY A 1050 9.91 -32.65 10.12
N LYS A 1051 9.17 -33.05 9.08
CA LYS A 1051 9.78 -33.21 7.77
C LYS A 1051 10.39 -31.90 7.28
N SER A 1052 9.61 -30.83 7.29
CA SER A 1052 10.10 -29.53 6.86
C SER A 1052 10.64 -28.69 8.00
N SER A 1053 10.48 -29.13 9.24
CA SER A 1053 10.98 -28.35 10.37
C SER A 1053 12.48 -28.50 10.53
N VAL A 1054 13.02 -29.69 10.25
CA VAL A 1054 14.46 -29.91 10.36
C VAL A 1054 15.21 -29.06 9.35
N ILE A 1055 14.63 -28.84 8.16
CA ILE A 1055 15.26 -28.00 7.16
C ILE A 1055 15.38 -26.57 7.66
N ALA A 1056 14.37 -26.10 8.40
CA ALA A 1056 14.44 -24.76 8.98
C ALA A 1056 15.54 -24.67 10.02
N MET A 1057 15.92 -25.79 10.64
CA MET A 1057 16.98 -25.76 11.64
C MET A 1057 18.35 -25.56 11.00
N ILE A 1058 18.63 -26.27 9.91
CA ILE A 1058 19.95 -26.18 9.27
C ILE A 1058 20.19 -24.77 8.76
N GLU A 1059 19.24 -24.23 8.00
CA GLU A 1059 19.25 -22.83 7.61
C GLU A 1059 18.45 -22.07 8.67
N ARG A 1060 19.12 -21.81 9.80
CA ARG A 1060 18.42 -21.43 11.02
C ARG A 1060 17.51 -20.23 10.83
N PHE A 1061 16.21 -20.47 10.95
CA PHE A 1061 15.20 -19.43 10.94
C PHE A 1061 14.66 -19.12 12.33
N TYR A 1062 14.65 -20.11 13.22
CA TYR A 1062 14.25 -19.96 14.60
C TYR A 1062 15.39 -20.42 15.51
N ASP A 1063 15.16 -20.39 16.82
CA ASP A 1063 16.16 -20.76 17.80
C ASP A 1063 15.67 -21.96 18.62
N PRO A 1064 16.46 -23.03 18.72
CA PRO A 1064 16.07 -24.14 19.59
C PRO A 1064 15.97 -23.69 21.04
N LEU A 1065 14.99 -24.24 21.75
CA LEU A 1065 14.80 -23.87 23.15
C LEU A 1065 15.82 -24.54 24.06
N ALA A 1066 16.34 -25.69 23.67
CA ALA A 1066 17.32 -26.41 24.46
C ALA A 1066 18.27 -27.15 23.53
N GLY A 1067 19.41 -27.57 24.08
CA GLY A 1067 20.38 -28.27 23.26
C GLY A 1067 21.06 -27.33 22.29
N LYS A 1068 21.70 -27.92 21.28
CA LYS A 1068 22.43 -27.16 20.29
C LYS A 1068 22.54 -27.98 19.01
N VAL A 1069 22.79 -27.27 17.91
CA VAL A 1069 22.96 -27.89 16.59
C VAL A 1069 24.27 -27.39 16.01
N MET A 1070 25.05 -28.31 15.43
CA MET A 1070 26.36 -27.99 14.88
C MET A 1070 26.45 -28.48 13.44
N ILE A 1071 27.13 -27.71 12.60
CA ILE A 1071 27.33 -28.05 11.20
C ILE A 1071 28.76 -28.50 10.92
N ASP A 1072 29.74 -27.75 11.41
CA ASP A 1072 31.15 -28.07 11.21
C ASP A 1072 31.85 -28.32 12.54
N GLY A 1073 31.17 -29.00 13.45
CA GLY A 1073 31.71 -29.24 14.77
C GLY A 1073 31.61 -28.06 15.73
N LYS A 1074 30.99 -26.96 15.31
CA LYS A 1074 30.81 -25.79 16.16
C LYS A 1074 29.38 -25.30 16.02
N ASP A 1075 28.89 -24.65 17.08
CA ASP A 1075 27.53 -24.14 17.09
C ASP A 1075 27.33 -23.12 15.98
N ILE A 1076 26.20 -23.23 15.26
CA ILE A 1076 25.91 -22.30 14.18
C ILE A 1076 25.31 -21.00 14.69
N ARG A 1077 25.13 -20.85 16.00
CA ARG A 1077 24.68 -19.57 16.54
C ARG A 1077 25.82 -18.55 16.56
N ARG A 1078 27.06 -19.01 16.63
CA ARG A 1078 28.21 -18.11 16.66
C ARG A 1078 28.83 -17.85 15.30
N LEU A 1079 28.54 -18.70 14.31
CA LEU A 1079 29.03 -18.47 12.96
C LEU A 1079 28.11 -17.47 12.24
N ASN A 1080 28.73 -16.57 11.49
CA ASN A 1080 27.95 -15.59 10.75
C ASN A 1080 27.09 -16.27 9.70
N LEU A 1081 25.86 -15.78 9.54
CA LEU A 1081 24.89 -16.46 8.69
C LEU A 1081 25.18 -16.29 7.21
N LYS A 1082 25.82 -15.20 6.80
CA LYS A 1082 26.02 -14.95 5.38
C LYS A 1082 26.88 -16.04 4.75
N SER A 1083 28.01 -16.37 5.37
CA SER A 1083 28.88 -17.40 4.82
C SER A 1083 28.18 -18.76 4.81
N LEU A 1084 27.49 -19.10 5.91
CA LEU A 1084 26.84 -20.40 5.98
C LEU A 1084 25.74 -20.53 4.93
N ARG A 1085 24.93 -19.50 4.76
CA ARG A 1085 23.87 -19.53 3.77
C ARG A 1085 24.42 -19.45 2.34
N LEU A 1086 25.62 -18.91 2.17
CA LEU A 1086 26.26 -18.97 0.85
C LEU A 1086 26.77 -20.38 0.55
N LYS A 1087 27.25 -21.08 1.58
CA LYS A 1087 27.78 -22.43 1.37
C LYS A 1087 26.69 -23.49 1.30
N ILE A 1088 25.44 -23.14 1.60
CA ILE A 1088 24.35 -24.11 1.63
C ILE A 1088 23.20 -23.61 0.77
N GLY A 1089 22.39 -24.53 0.29
CA GLY A 1089 21.27 -24.18 -0.56
C GLY A 1089 20.18 -25.22 -0.47
N LEU A 1090 18.93 -24.77 -0.65
CA LEU A 1090 17.77 -25.64 -0.54
C LEU A 1090 16.76 -25.28 -1.61
N VAL A 1091 15.77 -26.15 -1.77
CA VAL A 1091 14.63 -25.92 -2.64
C VAL A 1091 13.36 -26.10 -1.82
N GLN A 1092 12.39 -25.22 -2.04
CA GLN A 1092 11.16 -25.26 -1.27
C GLN A 1092 10.27 -26.41 -1.72
N GLN A 1093 9.37 -26.84 -0.83
CA GLN A 1093 8.40 -27.87 -1.18
C GLN A 1093 7.37 -27.33 -2.17
N GLU A 1094 7.04 -26.05 -2.08
CA GLU A 1094 6.11 -25.40 -3.00
C GLU A 1094 6.81 -24.17 -3.57
N PRO A 1095 7.56 -24.34 -4.66
CA PRO A 1095 8.37 -23.23 -5.18
C PRO A 1095 7.50 -22.03 -5.57
N ALA A 1096 8.04 -20.84 -5.33
CA ALA A 1096 7.37 -19.58 -5.65
C ALA A 1096 8.33 -18.73 -6.46
N LEU A 1097 8.09 -18.66 -7.78
CA LEU A 1097 8.97 -17.95 -8.67
C LEU A 1097 8.74 -16.44 -8.59
N PHE A 1098 9.82 -15.69 -8.78
CA PHE A 1098 9.72 -14.23 -8.79
C PHE A 1098 9.09 -13.76 -10.09
N ALA A 1099 8.47 -12.57 -10.03
CA ALA A 1099 7.80 -12.00 -11.19
C ALA A 1099 8.85 -11.40 -12.13
N ALA A 1100 9.49 -12.27 -12.88
CA ALA A 1100 10.51 -11.87 -13.85
C ALA A 1100 10.63 -12.96 -14.91
N THR A 1101 11.68 -12.88 -15.72
CA THR A 1101 11.90 -13.86 -16.76
C THR A 1101 12.42 -15.17 -16.16
N ILE A 1102 12.42 -16.22 -16.98
CA ILE A 1102 12.99 -17.50 -16.55
C ILE A 1102 14.48 -17.34 -16.28
N PHE A 1103 15.18 -16.61 -17.14
CA PHE A 1103 16.62 -16.44 -16.97
C PHE A 1103 16.95 -15.72 -15.67
N ASP A 1104 16.18 -14.68 -15.33
CA ASP A 1104 16.42 -13.97 -14.08
C ASP A 1104 16.14 -14.87 -12.88
N ASN A 1105 15.08 -15.67 -12.94
CA ASN A 1105 14.75 -16.57 -11.84
C ASN A 1105 15.83 -17.62 -11.64
N ILE A 1106 16.35 -18.18 -12.74
CA ILE A 1106 17.39 -19.18 -12.64
C ILE A 1106 18.68 -18.57 -12.10
N ALA A 1107 19.04 -17.39 -12.59
CA ALA A 1107 20.29 -16.75 -12.20
C ALA A 1107 20.22 -16.06 -10.83
N TYR A 1108 19.17 -16.31 -10.04
CA TYR A 1108 19.10 -15.72 -8.71
C TYR A 1108 20.22 -16.22 -7.82
N GLY A 1109 20.52 -17.52 -7.88
CA GLY A 1109 21.64 -18.06 -7.14
C GLY A 1109 22.94 -17.88 -7.89
N LYS A 1110 24.00 -17.55 -7.14
CA LYS A 1110 25.34 -17.32 -7.69
C LYS A 1110 25.31 -16.22 -8.76
N ASP A 1111 25.00 -15.01 -8.28
CA ASP A 1111 24.84 -13.88 -9.17
C ASP A 1111 26.14 -13.59 -9.92
N GLY A 1112 26.01 -13.03 -11.12
CA GLY A 1112 27.14 -12.82 -12.00
C GLY A 1112 27.45 -14.04 -12.83
N ALA A 1113 26.43 -14.60 -13.48
CA ALA A 1113 26.56 -15.83 -14.25
C ALA A 1113 26.32 -15.56 -15.72
N THR A 1114 27.21 -16.08 -16.56
CA THR A 1114 27.06 -15.95 -18.00
C THR A 1114 25.90 -16.81 -18.48
N GLU A 1115 25.28 -16.41 -19.60
CA GLU A 1115 24.15 -17.13 -20.16
C GLU A 1115 24.50 -18.59 -20.45
N SER A 1116 25.76 -18.88 -20.75
CA SER A 1116 26.17 -20.26 -21.01
C SER A 1116 25.97 -21.13 -19.77
N GLU A 1117 26.33 -20.61 -18.59
CA GLU A 1117 26.14 -21.37 -17.35
C GLU A 1117 24.66 -21.62 -17.08
N VAL A 1118 23.83 -20.60 -17.32
CA VAL A 1118 22.39 -20.77 -17.11
C VAL A 1118 21.83 -21.83 -18.06
N ILE A 1119 22.26 -21.81 -19.32
CA ILE A 1119 21.81 -22.79 -20.29
C ILE A 1119 22.24 -24.19 -19.86
N ASP A 1120 23.49 -24.33 -19.41
CA ASP A 1120 23.97 -25.64 -18.96
C ASP A 1120 23.19 -26.13 -17.76
N ALA A 1121 22.89 -25.24 -16.81
CA ALA A 1121 22.10 -25.64 -15.64
C ALA A 1121 20.70 -26.08 -16.04
N ALA A 1122 20.07 -25.33 -16.96
CA ALA A 1122 18.73 -25.70 -17.42
C ALA A 1122 18.75 -27.04 -18.13
N ARG A 1123 19.80 -27.30 -18.92
CA ARG A 1123 19.94 -28.60 -19.57
C ARG A 1123 20.10 -29.71 -18.53
N ALA A 1124 20.91 -29.47 -17.49
CA ALA A 1124 21.15 -30.49 -16.49
C ALA A 1124 19.91 -30.75 -15.65
N ALA A 1125 19.03 -29.76 -15.50
CA ALA A 1125 17.80 -29.90 -14.73
C ALA A 1125 16.63 -30.39 -15.57
N ASN A 1126 16.88 -30.77 -16.83
CA ASN A 1126 15.84 -31.17 -17.77
C ASN A 1126 14.79 -30.07 -17.92
N ALA A 1127 15.28 -28.88 -18.28
CA ALA A 1127 14.41 -27.74 -18.52
C ALA A 1127 14.65 -27.06 -19.86
N HIS A 1128 15.72 -27.39 -20.58
CA HIS A 1128 15.96 -26.77 -21.87
C HIS A 1128 14.94 -27.20 -22.91
N GLY A 1129 14.26 -28.31 -22.67
CA GLY A 1129 13.26 -28.81 -23.61
C GLY A 1129 12.09 -27.87 -23.78
N PHE A 1130 11.30 -27.68 -22.73
CA PHE A 1130 10.13 -26.83 -22.83
C PHE A 1130 10.50 -25.35 -22.96
N ILE A 1131 11.64 -24.95 -22.38
CA ILE A 1131 12.04 -23.54 -22.45
C ILE A 1131 12.30 -23.13 -23.90
N SER A 1132 13.02 -23.99 -24.64
CA SER A 1132 13.25 -23.70 -26.05
C SER A 1132 11.95 -23.71 -26.85
N GLY A 1133 10.97 -24.50 -26.41
CA GLY A 1133 9.67 -24.49 -27.07
C GLY A 1133 8.97 -23.16 -26.95
N LEU A 1134 9.20 -22.44 -25.86
CA LEU A 1134 8.60 -21.12 -25.68
C LEU A 1134 9.15 -20.16 -26.74
N PRO A 1135 8.34 -19.20 -27.18
CA PRO A 1135 8.81 -18.30 -28.25
C PRO A 1135 10.01 -17.47 -27.87
N GLU A 1136 9.94 -16.73 -26.77
CA GLU A 1136 11.01 -15.80 -26.40
C GLU A 1136 12.06 -16.42 -25.49
N GLY A 1137 12.55 -17.60 -25.87
CA GLY A 1137 13.65 -18.27 -25.19
C GLY A 1137 13.65 -18.17 -23.68
N TYR A 1138 14.77 -17.72 -23.11
CA TYR A 1138 14.87 -17.46 -21.68
C TYR A 1138 14.52 -16.02 -21.34
N LYS A 1139 13.38 -15.55 -21.85
CA LYS A 1139 12.97 -14.17 -21.60
C LYS A 1139 11.47 -14.03 -21.33
N THR A 1140 10.71 -15.11 -21.35
CA THR A 1140 9.27 -15.01 -21.17
C THR A 1140 8.95 -14.56 -19.75
N PRO A 1141 8.14 -13.52 -19.57
CA PRO A 1141 7.72 -13.15 -18.21
C PRO A 1141 6.91 -14.28 -17.56
N VAL A 1142 7.09 -14.43 -16.25
CA VAL A 1142 6.39 -15.48 -15.52
C VAL A 1142 5.15 -14.91 -14.86
N GLY A 1143 5.33 -13.96 -13.96
CA GLY A 1143 4.24 -13.37 -13.21
C GLY A 1143 4.38 -13.61 -11.72
N GLU A 1144 3.50 -12.94 -10.98
CA GLU A 1144 3.56 -12.98 -9.53
C GLU A 1144 3.29 -14.40 -9.02
N ARG A 1145 4.08 -14.82 -8.03
CA ARG A 1145 3.96 -16.09 -7.32
C ARG A 1145 4.31 -17.28 -8.21
N GLY A 1146 4.59 -17.07 -9.49
CA GLY A 1146 4.85 -18.19 -10.37
C GLY A 1146 3.59 -18.72 -11.01
N VAL A 1147 2.85 -17.85 -11.69
CA VAL A 1147 1.65 -18.25 -12.42
C VAL A 1147 2.00 -18.09 -13.89
N GLN A 1148 1.07 -18.42 -14.78
CA GLN A 1148 1.30 -18.45 -16.22
C GLN A 1148 2.31 -19.52 -16.61
N LEU A 1149 2.50 -20.51 -15.74
CA LEU A 1149 3.30 -21.69 -16.03
C LEU A 1149 2.61 -22.89 -15.39
N SER A 1150 3.30 -24.02 -15.35
CA SER A 1150 2.77 -25.23 -14.73
C SER A 1150 3.58 -25.58 -13.50
N GLY A 1151 2.97 -26.37 -12.62
CA GLY A 1151 3.69 -26.80 -11.42
C GLY A 1151 4.96 -27.56 -11.74
N GLY A 1152 4.90 -28.44 -12.74
CA GLY A 1152 6.10 -29.15 -13.14
C GLY A 1152 7.17 -28.22 -13.68
N GLN A 1153 6.78 -27.27 -14.51
CA GLN A 1153 7.74 -26.31 -15.06
C GLN A 1153 8.31 -25.41 -13.96
N LYS A 1154 7.46 -24.96 -13.03
CA LYS A 1154 7.95 -24.16 -11.93
C LYS A 1154 8.96 -24.93 -11.09
N GLN A 1155 8.67 -26.19 -10.81
CA GLN A 1155 9.59 -26.99 -10.00
C GLN A 1155 10.88 -27.28 -10.76
N ARG A 1156 10.80 -27.47 -12.08
CA ARG A 1156 12.02 -27.63 -12.88
C ARG A 1156 12.88 -26.38 -12.83
N ILE A 1157 12.25 -25.20 -12.93
CA ILE A 1157 13.01 -23.95 -12.87
C ILE A 1157 13.65 -23.79 -11.49
N ALA A 1158 12.92 -24.14 -10.42
CA ALA A 1158 13.48 -24.05 -9.09
C ALA A 1158 14.68 -24.98 -8.91
N ILE A 1159 14.56 -26.21 -9.42
CA ILE A 1159 15.69 -27.14 -9.34
C ILE A 1159 16.87 -26.63 -10.15
N ALA A 1160 16.59 -26.01 -11.30
CA ALA A 1160 17.67 -25.43 -12.10
C ALA A 1160 18.38 -24.32 -11.34
N ARG A 1161 17.62 -23.45 -10.66
CA ARG A 1161 18.25 -22.41 -9.86
C ARG A 1161 19.09 -23.02 -8.73
N ALA A 1162 18.56 -24.05 -8.07
CA ALA A 1162 19.29 -24.67 -6.97
C ALA A 1162 20.59 -25.30 -7.44
N VAL A 1163 20.57 -25.96 -8.59
CA VAL A 1163 21.81 -26.58 -9.09
C VAL A 1163 22.75 -25.52 -9.64
N LEU A 1164 22.22 -24.39 -10.13
CA LEU A 1164 23.09 -23.29 -10.55
C LEU A 1164 23.84 -22.72 -9.37
N LYS A 1165 23.18 -22.59 -8.21
CA LYS A 1165 23.88 -22.09 -7.03
C LYS A 1165 25.05 -23.01 -6.66
N ASN A 1166 24.86 -24.32 -6.79
CA ASN A 1166 25.89 -25.33 -6.54
C ASN A 1166 26.44 -25.23 -5.14
N PRO A 1167 25.67 -25.58 -4.11
CA PRO A 1167 26.15 -25.51 -2.74
C PRO A 1167 26.84 -26.81 -2.31
N THR A 1168 27.61 -26.70 -1.23
CA THR A 1168 28.27 -27.88 -0.67
C THR A 1168 27.26 -28.83 -0.06
N VAL A 1169 26.22 -28.30 0.58
CA VAL A 1169 25.15 -29.08 1.17
C VAL A 1169 23.86 -28.70 0.47
N LEU A 1170 23.18 -29.68 -0.11
CA LEU A 1170 21.95 -29.46 -0.86
C LEU A 1170 20.78 -29.92 0.00
N LEU A 1171 20.14 -28.99 0.70
CA LEU A 1171 19.02 -29.30 1.59
C LEU A 1171 17.78 -29.58 0.74
N LEU A 1172 17.78 -30.75 0.10
CA LEU A 1172 16.67 -31.14 -0.74
C LEU A 1172 15.45 -31.51 0.11
N ASP A 1173 14.29 -31.52 -0.52
CA ASP A 1173 13.04 -31.88 0.14
C ASP A 1173 12.14 -32.53 -0.91
N GLU A 1174 10.84 -32.59 -0.62
CA GLU A 1174 9.89 -33.23 -1.51
C GLU A 1174 9.97 -32.63 -2.90
N ALA A 1175 10.46 -33.42 -3.87
CA ALA A 1175 10.70 -32.95 -5.21
C ALA A 1175 9.83 -33.62 -6.27
N THR A 1176 9.46 -34.88 -6.09
CA THR A 1176 8.61 -35.58 -7.05
C THR A 1176 7.14 -35.39 -6.72
N SER A 1177 6.72 -34.12 -6.70
CA SER A 1177 5.34 -33.76 -6.40
C SER A 1177 4.52 -33.52 -7.65
N ALA A 1178 4.96 -32.59 -8.50
CA ALA A 1178 4.27 -32.26 -9.74
C ALA A 1178 5.02 -32.75 -10.97
N LEU A 1179 6.05 -33.59 -10.79
CA LEU A 1179 6.84 -34.10 -11.90
C LEU A 1179 6.52 -35.54 -12.26
N ASP A 1180 5.38 -36.06 -11.79
CA ASP A 1180 5.02 -37.45 -12.07
C ASP A 1180 4.59 -37.61 -13.52
N ALA A 1181 5.56 -37.59 -14.43
CA ALA A 1181 5.28 -37.68 -15.86
C ALA A 1181 6.46 -38.38 -16.52
N GLU A 1182 6.57 -38.25 -17.85
CA GLU A 1182 7.63 -38.90 -18.60
C GLU A 1182 9.02 -38.38 -18.25
N SER A 1183 9.12 -37.26 -17.54
CA SER A 1183 10.41 -36.72 -17.13
C SER A 1183 10.88 -37.27 -15.79
N GLU A 1184 10.10 -38.13 -15.13
CA GLU A 1184 10.43 -38.58 -13.79
C GLU A 1184 11.77 -39.31 -13.75
N CYS A 1185 12.00 -40.20 -14.72
CA CYS A 1185 13.25 -40.95 -14.75
C CYS A 1185 14.45 -40.04 -14.98
N VAL A 1186 14.30 -39.03 -15.84
CA VAL A 1186 15.43 -38.15 -16.15
C VAL A 1186 15.81 -37.31 -14.94
N LEU A 1187 14.83 -36.73 -14.25
CA LEU A 1187 15.13 -35.89 -13.10
C LEU A 1187 15.77 -36.67 -11.97
N GLN A 1188 15.27 -37.89 -11.70
CA GLN A 1188 15.84 -38.65 -10.58
C GLN A 1188 17.28 -39.06 -10.85
N GLU A 1189 17.60 -39.44 -12.09
CA GLU A 1189 18.97 -39.77 -12.44
C GLU A 1189 19.87 -38.54 -12.35
N ALA A 1190 19.38 -37.39 -12.81
CA ALA A 1190 20.17 -36.16 -12.72
C ALA A 1190 20.41 -35.79 -11.27
N LEU A 1191 19.40 -35.92 -10.41
CA LEU A 1191 19.58 -35.64 -8.99
C LEU A 1191 20.58 -36.60 -8.36
N GLU A 1192 20.51 -37.88 -8.73
CA GLU A 1192 21.46 -38.86 -8.19
C GLU A 1192 22.88 -38.51 -8.61
N ARG A 1193 23.05 -38.08 -9.87
CA ARG A 1193 24.38 -37.65 -10.32
C ARG A 1193 24.83 -36.40 -9.56
N LEU A 1194 23.90 -35.47 -9.31
CA LEU A 1194 24.25 -34.23 -8.61
C LEU A 1194 24.68 -34.49 -7.18
N MET A 1195 23.99 -35.39 -6.48
CA MET A 1195 24.28 -35.67 -5.08
C MET A 1195 25.48 -36.59 -4.90
N ARG A 1196 26.29 -36.80 -5.94
CA ARG A 1196 27.44 -37.70 -5.82
C ARG A 1196 28.43 -37.20 -4.79
N GLY A 1197 28.71 -35.89 -4.79
CA GLY A 1197 29.63 -35.32 -3.84
C GLY A 1197 29.02 -34.25 -2.95
N ARG A 1198 27.76 -34.46 -2.57
CA ARG A 1198 27.02 -33.49 -1.77
C ARG A 1198 26.22 -34.20 -0.70
N THR A 1199 25.90 -33.46 0.36
CA THR A 1199 25.09 -33.97 1.45
C THR A 1199 23.67 -33.46 1.30
N THR A 1200 22.69 -34.38 1.29
CA THR A 1200 21.30 -34.03 1.03
C THR A 1200 20.41 -34.55 2.15
N VAL A 1201 19.28 -33.87 2.34
CA VAL A 1201 18.32 -34.22 3.38
C VAL A 1201 16.95 -34.40 2.76
N VAL A 1202 16.90 -34.88 1.52
CA VAL A 1202 15.65 -34.97 0.76
C VAL A 1202 14.61 -35.74 1.57
N VAL A 1203 13.38 -35.21 1.58
CA VAL A 1203 12.25 -35.85 2.23
C VAL A 1203 11.28 -36.30 1.15
N ALA A 1204 10.70 -37.48 1.33
CA ALA A 1204 9.80 -38.03 0.33
C ALA A 1204 8.89 -39.06 0.98
N HIS A 1205 7.59 -38.79 0.95
CA HIS A 1205 6.59 -39.76 1.39
C HIS A 1205 6.13 -40.66 0.25
N ARG A 1206 6.60 -40.42 -0.98
CA ARG A 1206 6.25 -41.29 -2.10
C ARG A 1206 6.96 -42.63 -2.02
N LEU A 1207 8.10 -42.70 -1.33
CA LEU A 1207 8.84 -43.94 -1.11
C LEU A 1207 9.25 -44.59 -2.43
N SER A 1208 9.57 -43.78 -3.43
CA SER A 1208 9.98 -44.30 -4.73
C SER A 1208 11.30 -43.70 -5.19
N THR A 1209 11.55 -42.44 -4.82
CA THR A 1209 12.75 -41.72 -5.24
C THR A 1209 13.77 -41.58 -4.12
N ILE A 1210 13.81 -42.54 -3.19
CA ILE A 1210 14.70 -42.47 -2.03
C ILE A 1210 15.64 -43.66 -2.04
N ARG A 1211 16.04 -44.09 -3.25
CA ARG A 1211 16.91 -45.27 -3.37
C ARG A 1211 18.27 -45.08 -2.69
N GLY A 1212 18.67 -43.85 -2.40
CA GLY A 1212 19.91 -43.63 -1.67
C GLY A 1212 19.86 -44.24 -0.28
N VAL A 1213 20.54 -45.36 -0.10
CA VAL A 1213 20.39 -46.18 1.11
C VAL A 1213 21.46 -45.73 2.10
N ASP A 1214 21.18 -44.61 2.78
CA ASP A 1214 22.14 -44.12 3.77
C ASP A 1214 21.58 -44.02 5.19
N CYS A 1215 20.65 -43.10 5.45
CA CYS A 1215 20.31 -42.77 6.83
C CYS A 1215 18.84 -42.35 6.97
N ILE A 1216 17.92 -43.14 6.41
CA ILE A 1216 16.53 -42.73 6.19
C ILE A 1216 15.88 -41.95 7.33
N GLY A 1217 16.10 -42.35 8.58
CA GLY A 1217 15.45 -41.62 9.66
C GLY A 1217 13.96 -41.88 9.69
N VAL A 1218 13.56 -43.08 10.12
CA VAL A 1218 12.20 -43.56 9.88
C VAL A 1218 11.16 -42.69 10.56
N ILE A 1219 11.38 -42.30 11.82
CA ILE A 1219 10.34 -41.67 12.62
C ILE A 1219 10.82 -40.32 13.11
N GLN A 1220 9.97 -39.29 12.95
CA GLN A 1220 10.25 -37.94 13.43
C GLN A 1220 9.12 -37.38 14.27
N ASP A 1221 8.29 -38.24 14.87
CA ASP A 1221 7.16 -37.77 15.66
C ASP A 1221 7.63 -37.21 17.00
N GLY A 1222 7.99 -35.93 17.02
CA GLY A 1222 8.50 -35.31 18.23
C GLY A 1222 9.92 -35.73 18.54
N ARG A 1223 10.11 -37.02 18.78
CA ARG A 1223 11.41 -37.59 19.04
C ARG A 1223 11.94 -38.26 17.77
N ILE A 1224 13.04 -38.99 17.89
CA ILE A 1224 13.65 -39.67 16.75
C ILE A 1224 13.80 -41.15 17.11
N VAL A 1225 13.82 -41.98 16.06
CA VAL A 1225 14.00 -43.42 16.20
C VAL A 1225 15.22 -43.83 15.39
N GLU A 1226 15.88 -44.90 15.83
CA GLU A 1226 17.11 -45.39 15.20
C GLU A 1226 16.97 -45.44 13.68
N GLN A 1227 17.85 -44.71 13.00
CA GLN A 1227 17.75 -44.56 11.55
C GLN A 1227 18.24 -45.82 10.83
N GLY A 1228 19.51 -46.16 11.00
CA GLY A 1228 20.09 -47.28 10.28
C GLY A 1228 20.32 -46.95 8.82
N SER A 1229 19.68 -47.70 7.92
CA SER A 1229 19.81 -47.45 6.50
C SER A 1229 18.54 -47.94 5.81
N HIS A 1230 18.34 -47.48 4.57
CA HIS A 1230 17.15 -47.85 3.82
C HIS A 1230 17.10 -49.35 3.57
N SER A 1231 18.21 -49.93 3.13
CA SER A 1231 18.26 -51.37 2.94
C SER A 1231 18.06 -52.12 4.25
N GLU A 1232 18.55 -51.54 5.35
CA GLU A 1232 18.37 -52.18 6.66
C GLU A 1232 16.89 -52.32 7.00
N LEU A 1233 16.14 -51.20 6.93
CA LEU A 1233 14.72 -51.25 7.25
C LEU A 1233 13.90 -51.98 6.20
N VAL A 1234 14.40 -52.04 4.96
CA VAL A 1234 13.79 -52.95 3.99
C VAL A 1234 13.93 -54.39 4.46
N SER A 1235 15.11 -54.75 4.98
CA SER A 1235 15.31 -56.08 5.54
C SER A 1235 14.76 -56.21 6.97
N ARG A 1236 14.62 -55.10 7.69
CA ARG A 1236 14.10 -55.15 9.05
C ARG A 1236 12.60 -55.47 9.06
N PRO A 1237 12.07 -55.92 10.20
CA PRO A 1237 10.64 -56.20 10.29
C PRO A 1237 9.78 -54.94 10.28
N GLU A 1238 8.48 -55.11 10.52
CA GLU A 1238 7.49 -54.04 10.42
C GLU A 1238 7.97 -52.75 11.07
N GLY A 1239 7.76 -51.65 10.36
CA GLY A 1239 8.13 -50.32 10.83
C GLY A 1239 7.29 -49.28 10.14
N ALA A 1240 7.53 -48.02 10.49
CA ALA A 1240 6.78 -46.92 9.89
C ALA A 1240 7.03 -46.84 8.39
N TYR A 1241 8.29 -47.01 7.97
CA TYR A 1241 8.57 -47.05 6.54
C TYR A 1241 8.01 -48.32 5.91
N SER A 1242 8.08 -49.44 6.62
CA SER A 1242 7.58 -50.71 6.08
C SER A 1242 6.07 -50.65 5.88
N ARG A 1243 5.33 -50.11 6.85
CA ARG A 1243 3.88 -50.00 6.70
C ARG A 1243 3.52 -49.02 5.59
N LEU A 1244 4.29 -47.94 5.46
CA LEU A 1244 4.06 -47.00 4.36
C LEU A 1244 4.27 -47.67 3.01
N LEU A 1245 5.34 -48.45 2.88
CA LEU A 1245 5.58 -49.16 1.63
C LEU A 1245 4.48 -50.18 1.35
N GLN A 1246 4.03 -50.90 2.38
CA GLN A 1246 2.94 -51.84 2.19
C GLN A 1246 1.67 -51.15 1.72
N LEU A 1247 1.33 -50.01 2.35
CA LEU A 1247 0.13 -49.28 1.95
C LEU A 1247 0.26 -48.73 0.54
N GLN A 1248 1.44 -48.23 0.17
CA GLN A 1248 1.64 -47.74 -1.19
C GLN A 1248 1.50 -48.87 -2.21
N THR A 1249 2.07 -50.04 -1.92
CA THR A 1249 1.94 -51.18 -2.82
C THR A 1249 0.50 -51.64 -2.92
N HIS A 1250 -0.24 -51.59 -1.82
CA HIS A 1250 -1.68 -51.90 -1.87
C HIS A 1250 -2.41 -50.90 -2.75
N ARG A 1251 -2.05 -49.62 -2.66
CA ARG A 1251 -2.60 -48.63 -3.57
C ARG A 1251 -2.18 -48.91 -5.01
N ILE A 1252 -0.95 -49.39 -5.19
CA ILE A 1252 -0.44 -49.73 -6.52
C ILE A 1252 -1.27 -50.87 -7.12
V VO4 B . 1.07 -30.19 -13.38
O1 VO4 B . 2.43 -28.85 -13.55
O2 VO4 B . 1.34 -31.19 -11.78
O3 VO4 B . -0.65 -29.35 -13.31
O4 VO4 B . 1.14 -31.36 -14.89
PB ADP C . -0.59 -28.91 -16.55
O1B ADP C . -1.85 -28.52 -15.82
O2B ADP C . -0.69 -30.20 -17.31
O3B ADP C . 0.67 -28.75 -15.74
PA ADP C . -1.11 -26.34 -17.46
O1A ADP C . -0.69 -25.86 -16.08
O2A ADP C . -2.57 -26.44 -17.80
O3A ADP C . -0.45 -27.78 -17.69
O5' ADP C . -0.38 -25.41 -18.55
C5' ADP C . -0.19 -25.84 -19.89
C4' ADP C . 0.48 -24.72 -20.68
O4' ADP C . -0.38 -23.58 -20.70
C3' ADP C . 1.78 -24.29 -20.01
O3' ADP C . 2.88 -24.59 -20.87
C2' ADP C . 1.67 -22.79 -19.81
O2' ADP C . 2.74 -22.14 -20.50
C1' ADP C . 0.35 -22.39 -20.41
N9 ADP C . -0.42 -21.57 -19.44
C8 ADP C . -1.12 -22.06 -18.39
N7 ADP C . -1.71 -21.06 -17.69
C5 ADP C . -1.39 -19.90 -18.30
C6 ADP C . -1.69 -18.47 -18.08
N6 ADP C . -2.46 -18.06 -17.05
N1 ADP C . -1.16 -17.58 -18.95
C2 ADP C . -0.39 -17.96 -19.98
N3 ADP C . -0.09 -19.25 -20.24
C4 ADP C . -0.54 -20.24 -19.45
V VO4 D . 4.60 -32.55 4.28
O1 VO4 D . 3.00 -31.56 4.60
O2 VO4 D . 4.62 -33.15 2.47
O3 VO4 D . 6.11 -31.42 4.59
O4 VO4 D . 4.67 -34.05 5.45
PB ADP E . 5.76 -31.81 7.81
O1B ADP E . 6.97 -31.05 7.34
O2B ADP E . 6.07 -33.22 8.26
O3B ADP E . 4.55 -31.69 6.93
PA ADP E . 5.69 -29.50 9.34
O1A ADP E . 5.28 -28.79 8.08
O2A ADP E . 7.13 -29.43 9.80
O3A ADP E . 5.33 -31.05 9.16
O5' ADP E . 4.74 -29.03 10.53
C5' ADP E . 4.56 -29.80 11.71
C4' ADP E . 3.62 -29.05 12.65
O4' ADP E . 4.23 -27.81 13.04
C3' ADP E . 2.31 -28.71 11.97
O3' ADP E . 1.24 -29.39 12.61
C2' ADP E . 2.13 -27.21 12.13
O2' ADP E . 0.91 -26.95 12.83
C1' ADP E . 3.30 -26.73 12.95
N9 ADP E . 3.96 -25.58 12.28
C8 ADP E . 4.79 -25.66 11.24
N7 ADP E . 5.22 -24.42 10.85
C5 ADP E . 4.64 -23.53 11.68
C6 ADP E . 4.67 -22.06 11.83
N6 ADP E . 5.40 -21.27 11.01
N1 ADP E . 3.91 -21.52 12.81
C2 ADP E . 3.18 -22.29 13.64
N3 ADP E . 3.11 -23.62 13.56
C4 ADP E . 3.80 -24.30 12.62
MG MG F . -2.12 -27.84 -13.20
MG MG G . 6.42 -29.36 4.31
#